data_6D14
#
_entry.id   6D14
#
_cell.length_a   176.252
_cell.length_b   95.751
_cell.length_c   124.546
_cell.angle_alpha   90.000
_cell.angle_beta   134.660
_cell.angle_gamma   90.000
#
_symmetry.space_group_name_H-M   'C 1 2 1'
#
loop_
_entity.id
_entity.type
_entity.pdbx_description
1 polymer 'TNF receptor-associated protein 1'
2 non-polymer 'PHOSPHOAMINOPHOSPHONIC ACID-ADENYLATE ESTER'
3 non-polymer 'CALCIUM ION'
4 water water
#
_entity_poly.entity_id   1
_entity_poly.type   'polypeptide(L)'
_entity_poly.pdbx_seq_one_letter_code
;TLHNIITDTENVQGSFSKHEFQAETKKLLDIVARSLYSEKEVFIRELISNGSDALEKLRHRMITAGGDTAPMEIHLQTDS
VKGTFTIQDTGVGMNKEDLVSNLGTIARSGSKAFLDALQNQAEASSSIIGQFGVGFYSAFMVADKVEVYSQSAEADAPGY
KWSSDGSGVFEVAEASGVRQGTKIVLHLKDDCKEFSSEDRVKEVVTKYSNFVSFPIFLNGRRLNTLQALWMMEPKDISEW
QHEEFYRYVAQAYDKPRYTLHYRADAPLNIRSIFYVPEMKPSMFDVSREMGSSVALYSRKILIQTKATDILPKWLRFLRG
VVDSEDIPLNLSRELLQESALIRKLRDVLQQRVIRFLLDQSKKDPEKYARFFEDYGLFMREGIVTTGEQSVKEDIAKLLR
FESSALPAGQQTSLMEYSSRMKAGTRNIYYLCAPNRHLAEHSPYFEAMKQKDMEVLFCFEQFDELTLLHLREFDRKKLIS
AETDIVVDHYKEEKFQDSKPASERLSSEQAEDLLAWMRNALVQRVTNIKVTPRLDTHPAMITVLEMGAARHFLRTQQLAR
SSEERAQILQPTLEINTGHDLIKKLHALKDSNPELAQLLLEQIYDNAMIAAGLNEDPRPMISRLNQLLTRALEKH
;
_entity_poly.pdbx_strand_id   A,B
#
loop_
_chem_comp.id
_chem_comp.type
_chem_comp.name
_chem_comp.formula
ANP non-polymer 'PHOSPHOAMINOPHOSPHONIC ACID-ADENYLATE ESTER' 'C10 H17 N6 O12 P3'
CA non-polymer 'CALCIUM ION' 'Ca 2'
#
# COMPACT_ATOMS: atom_id res chain seq x y z
N THR A 1 2.58 -11.88 -45.19
CA THR A 1 2.44 -10.55 -44.52
C THR A 1 3.78 -10.10 -43.88
N LEU A 2 4.84 -10.90 -43.97
CA LEU A 2 6.07 -10.56 -43.24
C LEU A 2 6.83 -9.44 -43.97
N HIS A 3 7.39 -8.53 -43.16
CA HIS A 3 8.22 -7.42 -43.64
C HIS A 3 9.46 -7.32 -42.75
N ASN A 4 10.58 -7.90 -43.19
CA ASN A 4 11.86 -7.79 -42.47
C ASN A 4 12.94 -7.28 -43.44
N ILE A 5 13.67 -6.25 -43.00
CA ILE A 5 14.69 -5.60 -43.81
C ILE A 5 16.08 -6.08 -43.36
N ILE A 6 16.15 -6.85 -42.28
CA ILE A 6 17.42 -7.28 -41.71
C ILE A 6 17.96 -8.45 -42.54
N THR A 7 19.16 -8.30 -43.08
CA THR A 7 19.76 -9.31 -43.96
C THR A 7 21.28 -9.23 -43.85
N ASP A 8 21.93 -10.38 -43.96
CA ASP A 8 23.39 -10.49 -43.87
C ASP A 8 24.00 -10.08 -45.21
N THR A 9 24.24 -8.78 -45.37
CA THR A 9 24.66 -8.22 -46.65
C THR A 9 25.95 -7.41 -46.51
N GLU A 10 26.48 -7.28 -45.30
CA GLU A 10 27.59 -6.36 -45.04
C GLU A 10 28.92 -7.11 -45.11
N ASN A 11 29.91 -6.45 -45.70
CA ASN A 11 31.27 -6.98 -45.77
C ASN A 11 32.24 -5.85 -45.47
N VAL A 12 33.18 -6.08 -44.55
CA VAL A 12 34.21 -5.08 -44.29
C VAL A 12 35.19 -5.15 -45.46
N GLN A 13 35.60 -3.98 -45.88
CA GLN A 13 36.51 -3.78 -46.98
C GLN A 13 37.64 -2.91 -46.44
N GLY A 14 38.84 -3.48 -46.34
CA GLY A 14 39.98 -2.78 -45.74
C GLY A 14 40.21 -3.28 -44.32
N SER A 15 41.07 -2.65 -43.55
CA SER A 15 41.32 -3.18 -42.21
C SER A 15 41.49 -2.02 -41.20
N PHE A 16 42.08 -2.37 -40.06
CA PHE A 16 42.54 -1.47 -38.99
C PHE A 16 41.38 -0.74 -38.29
N SER A 17 41.83 0.33 -37.63
CA SER A 17 41.11 1.29 -36.79
C SER A 17 40.74 0.64 -35.44
N LYS A 18 41.69 0.68 -34.53
CA LYS A 18 41.53 0.20 -33.16
C LYS A 18 41.42 1.45 -32.28
N HIS A 19 40.40 1.54 -31.46
CA HIS A 19 40.24 2.74 -30.61
C HIS A 19 39.94 2.35 -29.17
N GLU A 20 40.31 3.23 -28.26
CA GLU A 20 40.00 3.05 -26.85
C GLU A 20 38.76 3.86 -26.49
N PHE A 21 37.84 3.25 -25.75
CA PHE A 21 36.72 4.01 -25.20
C PHE A 21 37.25 5.16 -24.34
N GLN A 22 36.52 6.28 -24.36
CA GLN A 22 36.89 7.48 -23.62
C GLN A 22 35.71 7.89 -22.73
N ALA A 23 35.83 9.01 -22.02
CA ALA A 23 34.78 9.46 -21.13
C ALA A 23 34.70 10.99 -21.14
N GLU A 24 33.53 11.52 -21.50
CA GLU A 24 33.30 12.98 -21.47
C GLU A 24 33.18 13.40 -20.01
N THR A 25 34.34 13.70 -19.41
CA THR A 25 34.47 13.88 -17.95
C THR A 25 33.46 14.91 -17.42
N LYS A 26 33.37 16.07 -18.06
CA LYS A 26 32.56 17.19 -17.53
C LYS A 26 31.09 16.77 -17.43
N LYS A 27 30.59 16.06 -18.42
CA LYS A 27 29.19 15.62 -18.39
C LYS A 27 29.04 14.47 -17.39
N LEU A 28 30.07 13.64 -17.26
CA LEU A 28 30.00 12.49 -16.36
C LEU A 28 29.88 12.95 -14.91
N LEU A 29 30.64 13.98 -14.54
CA LEU A 29 30.47 14.64 -13.23
C LEU A 29 29.01 15.00 -13.02
N ASP A 30 28.45 15.68 -14.01
CA ASP A 30 27.11 16.24 -13.93
C ASP A 30 26.10 15.12 -13.68
N ILE A 31 26.28 13.99 -14.38
CA ILE A 31 25.44 12.80 -14.20
C ILE A 31 25.51 12.31 -12.75
N VAL A 32 26.74 12.14 -12.27
CA VAL A 32 26.96 11.63 -10.92
C VAL A 32 26.32 12.60 -9.91
N ALA A 33 26.61 13.88 -10.11
CA ALA A 33 26.18 14.92 -9.21
C ALA A 33 24.79 15.43 -9.61
N ARG A 34 23.86 14.55 -9.95
CA ARG A 34 22.51 15.00 -10.30
C ARG A 34 21.60 13.81 -10.60
N SER A 35 22.03 12.96 -11.54
CA SER A 35 21.15 12.00 -12.20
C SER A 35 21.23 10.60 -11.57
N LEU A 36 21.83 10.45 -10.40
CA LEU A 36 22.08 9.12 -9.87
C LEU A 36 20.97 8.72 -8.89
N TYR A 37 20.58 9.64 -8.02
CA TYR A 37 19.79 9.29 -6.85
C TYR A 37 18.40 9.90 -6.97
N SER A 38 17.47 9.37 -6.20
CA SER A 38 16.08 9.83 -6.21
C SER A 38 15.97 11.18 -5.47
N GLU A 39 16.78 11.40 -4.44
CA GLU A 39 16.68 12.61 -3.62
C GLU A 39 18.06 13.22 -3.39
N LYS A 40 18.11 14.55 -3.36
CA LYS A 40 19.34 15.30 -3.14
C LYS A 40 19.98 14.94 -1.79
N GLU A 41 19.17 14.64 -0.78
CA GLU A 41 19.63 14.49 0.62
C GLU A 41 20.64 13.35 0.74
N VAL A 42 20.72 12.53 -0.29
CA VAL A 42 21.56 11.35 -0.27
C VAL A 42 23.05 11.72 -0.14
N PHE A 43 23.45 12.95 -0.43
CA PHE A 43 24.88 13.31 -0.33
C PHE A 43 25.39 13.13 1.10
N ILE A 44 24.52 13.29 2.09
CA ILE A 44 24.87 13.11 3.51
C ILE A 44 25.22 11.64 3.73
N ARG A 45 24.36 10.76 3.23
CA ARG A 45 24.55 9.32 3.32
C ARG A 45 25.91 8.93 2.71
N GLU A 46 26.22 9.52 1.56
CA GLU A 46 27.46 9.19 0.85
C GLU A 46 28.69 9.66 1.63
N LEU A 47 28.66 10.89 2.16
CA LEU A 47 29.86 11.47 2.81
C LEU A 47 30.09 10.81 4.17
N ILE A 48 29.01 10.40 4.83
CA ILE A 48 29.13 9.72 6.11
C ILE A 48 29.68 8.31 5.86
N SER A 49 29.18 7.62 4.83
CA SER A 49 29.71 6.30 4.49
C SER A 49 31.21 6.40 4.20
N ASN A 50 31.62 7.41 3.42
CA ASN A 50 33.03 7.63 3.09
C ASN A 50 33.85 7.86 4.37
N GLY A 51 33.31 8.66 5.28
CA GLY A 51 33.99 8.95 6.54
C GLY A 51 34.08 7.70 7.41
N SER A 52 33.02 6.90 7.39
CA SER A 52 33.03 5.61 8.08
C SER A 52 34.14 4.73 7.50
N ASP A 53 34.31 4.76 6.17
CA ASP A 53 35.33 3.95 5.51
C ASP A 53 36.73 4.42 5.94
N ALA A 54 36.91 5.73 6.08
CA ALA A 54 38.21 6.30 6.47
C ALA A 54 38.55 5.91 7.91
N LEU A 55 37.52 5.78 8.74
CA LEU A 55 37.70 5.35 10.12
C LEU A 55 37.97 3.84 10.16
N GLU A 56 37.22 3.09 9.38
CA GLU A 56 37.38 1.65 9.36
C GLU A 56 38.80 1.29 8.91
N LYS A 57 39.33 2.03 7.95
CA LYS A 57 40.67 1.79 7.45
C LYS A 57 41.72 2.11 8.51
N LEU A 58 41.50 3.19 9.26
CA LEU A 58 42.43 3.56 10.33
C LEU A 58 42.41 2.45 11.38
N ARG A 59 41.22 2.07 11.81
CA ARG A 59 41.07 1.04 12.80
C ARG A 59 41.86 -0.20 12.33
N HIS A 60 41.69 -0.58 11.07
CA HIS A 60 42.31 -1.78 10.53
C HIS A 60 43.85 -1.66 10.51
N ARG A 61 44.37 -0.47 10.14
CA ARG A 61 45.84 -0.29 10.01
C ARG A 61 46.49 -0.29 11.40
N MET A 62 45.73 0.04 12.43
CA MET A 62 46.26 0.15 13.78
C MET A 62 46.22 -1.22 14.49
N ILE A 63 45.47 -2.18 13.97
CA ILE A 63 45.54 -3.56 14.47
C ILE A 63 46.99 -4.02 14.47
N THR A 64 47.66 -3.72 13.37
CA THR A 64 48.98 -4.25 13.09
C THR A 64 50.01 -3.15 13.37
N ALA A 65 50.17 -2.21 12.45
CA ALA A 65 51.11 -1.11 12.66
C ALA A 65 50.50 -0.12 13.66
N GLY A 66 50.24 -0.62 14.87
CA GLY A 66 49.44 0.11 15.84
C GLY A 66 49.97 1.51 16.10
N GLY A 67 49.04 2.40 16.43
CA GLY A 67 49.37 3.79 16.73
C GLY A 67 48.52 4.31 17.88
N ASP A 68 48.28 5.61 17.86
CA ASP A 68 47.54 6.28 18.93
C ASP A 68 46.26 6.88 18.36
N ALA A 70 43.81 9.17 18.19
CA ALA A 70 42.65 10.01 18.49
C ALA A 70 41.38 9.13 18.52
N PRO A 71 40.25 9.72 18.97
CA PRO A 71 38.96 9.01 18.91
C PRO A 71 38.48 8.90 17.46
N MET A 72 37.60 7.94 17.20
CA MET A 72 37.14 7.63 15.85
C MET A 72 35.69 8.09 15.70
N GLU A 73 35.51 9.22 15.03
CA GLU A 73 34.29 9.98 15.16
C GLU A 73 33.96 10.68 13.84
N ILE A 74 32.66 10.82 13.59
CA ILE A 74 32.14 11.61 12.50
C ILE A 74 31.44 12.84 13.07
N HIS A 75 31.87 14.01 12.63
CA HIS A 75 31.33 15.29 13.11
C HIS A 75 30.63 16.03 11.96
N LEU A 76 29.43 16.53 12.24
CA LEU A 76 28.66 17.33 11.32
C LEU A 76 28.47 18.72 11.92
N GLN A 77 28.47 19.73 11.07
CA GLN A 77 28.20 21.10 11.51
C GLN A 77 27.40 21.83 10.44
N THR A 78 26.39 22.56 10.87
CA THR A 78 25.58 23.41 9.99
C THR A 78 25.81 24.88 10.32
N ASP A 79 25.82 25.70 9.28
CA ASP A 79 25.90 27.14 9.43
C ASP A 79 24.79 27.76 8.57
N SER A 80 23.70 28.15 9.22
CA SER A 80 22.53 28.66 8.50
C SER A 80 22.81 30.05 7.92
N VAL A 81 23.76 30.78 8.49
CA VAL A 81 24.04 32.16 8.08
C VAL A 81 24.99 32.14 6.86
N LYS A 82 26.09 31.42 6.99
CA LYS A 82 27.04 31.30 5.88
C LYS A 82 26.52 30.28 4.85
N GLY A 83 25.49 29.53 5.21
CA GLY A 83 24.86 28.58 4.29
C GLY A 83 25.77 27.38 3.99
N THR A 84 26.47 26.86 4.99
CA THR A 84 27.39 25.74 4.76
C THR A 84 26.94 24.50 5.53
N PHE A 85 27.37 23.36 5.02
CA PHE A 85 27.29 22.08 5.68
C PHE A 85 28.71 21.52 5.73
N THR A 86 29.11 20.98 6.87
CA THR A 86 30.49 20.49 7.06
C THR A 86 30.47 19.10 7.70
N ILE A 87 31.33 18.22 7.21
CA ILE A 87 31.51 16.92 7.82
C ILE A 87 33.01 16.69 8.05
N GLN A 88 33.35 16.17 9.21
CA GLN A 88 34.74 15.85 9.49
C GLN A 88 34.82 14.46 10.14
N ASP A 89 35.75 13.65 9.65
CA ASP A 89 36.06 12.38 10.28
C ASP A 89 37.50 12.46 10.81
N THR A 90 37.82 11.56 11.73
CA THR A 90 39.17 11.48 12.29
C THR A 90 39.90 10.26 11.71
N GLY A 91 39.61 9.91 10.44
CA GLY A 91 40.11 8.68 9.83
C GLY A 91 41.52 8.82 9.26
N VAL A 92 41.83 7.97 8.30
CA VAL A 92 43.19 7.86 7.74
C VAL A 92 43.57 9.13 6.97
N GLY A 93 42.59 9.92 6.53
CA GLY A 93 42.91 11.13 5.78
C GLY A 93 43.57 10.78 4.45
N MET A 94 44.06 11.79 3.73
CA MET A 94 44.58 11.58 2.37
C MET A 94 45.77 12.50 2.14
N ASN A 95 46.86 11.97 1.58
CA ASN A 95 47.98 12.81 1.18
C ASN A 95 47.68 13.43 -0.19
N LYS A 96 48.63 14.15 -0.77
CA LYS A 96 48.34 14.89 -2.00
C LYS A 96 47.98 13.91 -3.12
N GLU A 97 48.86 12.94 -3.34
CA GLU A 97 48.68 11.91 -4.34
C GLU A 97 47.30 11.25 -4.16
N ASP A 98 46.89 11.02 -2.92
CA ASP A 98 45.62 10.33 -2.62
C ASP A 98 44.42 11.21 -3.00
N LEU A 99 44.54 12.51 -2.81
CA LEU A 99 43.45 13.43 -3.14
C LEU A 99 43.29 13.53 -4.66
N VAL A 100 44.40 13.73 -5.37
CA VAL A 100 44.35 13.83 -6.83
C VAL A 100 43.75 12.54 -7.39
N SER A 101 44.21 11.40 -6.89
CA SER A 101 43.78 10.12 -7.43
C SER A 101 42.31 9.87 -7.08
N ASN A 102 42.01 9.82 -5.80
CA ASN A 102 40.73 9.32 -5.33
C ASN A 102 39.62 10.34 -5.60
N LEU A 103 39.86 11.62 -5.33
CA LEU A 103 38.84 12.65 -5.52
C LEU A 103 38.76 13.06 -6.98
N GLY A 104 39.90 13.06 -7.69
CA GLY A 104 39.97 13.66 -9.03
C GLY A 104 39.65 12.69 -10.16
N THR A 105 39.41 11.42 -9.83
CA THR A 105 39.11 10.41 -10.85
C THR A 105 37.75 9.77 -10.59
N ILE A 106 36.84 9.95 -11.53
CA ILE A 106 35.49 9.40 -11.43
C ILE A 106 35.60 7.88 -11.59
N ALA A 107 34.86 7.14 -10.77
CA ALA A 107 34.88 5.68 -10.77
C ALA A 107 36.14 5.13 -10.08
N ARG A 108 37.06 5.96 -9.59
CA ARG A 108 38.17 5.41 -8.81
C ARG A 108 37.75 5.34 -7.34
N SER A 109 37.94 4.17 -6.74
CA SER A 109 37.55 3.90 -5.35
C SER A 109 38.75 3.33 -4.58
N GLY A 110 39.43 4.16 -3.80
CA GLY A 110 40.48 3.68 -2.92
C GLY A 110 39.97 2.65 -1.91
N SER A 111 38.70 2.77 -1.50
CA SER A 111 38.09 1.87 -0.51
C SER A 111 37.83 0.49 -1.13
N LYS A 112 37.49 0.46 -2.41
CA LYS A 112 37.35 -0.80 -3.16
C LYS A 112 38.71 -1.50 -3.27
N ALA A 113 39.74 -0.71 -3.57
CA ALA A 113 41.10 -1.23 -3.69
C ALA A 113 41.54 -1.83 -2.36
N PHE A 114 41.22 -1.11 -1.28
CA PHE A 114 41.51 -1.54 0.08
C PHE A 114 40.82 -2.87 0.38
N LEU A 115 39.52 -2.93 0.06
CA LEU A 115 38.70 -4.13 0.28
C LEU A 115 39.28 -5.34 -0.48
N ASP A 116 39.69 -5.13 -1.72
CA ASP A 116 40.18 -6.23 -2.57
C ASP A 116 41.47 -6.82 -2.00
N ALA A 117 42.24 -6.02 -1.25
CA ALA A 117 43.55 -6.42 -0.76
C ALA A 117 43.46 -7.04 0.65
N LEU A 118 42.27 -7.10 1.24
CA LEU A 118 42.15 -7.63 2.60
C LEU A 118 42.03 -9.15 2.57
N GLN A 119 42.59 -9.80 3.60
CA GLN A 119 42.16 -11.12 3.99
C GLN A 119 40.63 -11.06 4.11
N ASN A 120 39.94 -11.94 3.39
CA ASN A 120 38.49 -11.84 3.23
C ASN A 120 37.80 -12.09 4.59
N GLN A 121 38.54 -12.57 5.58
CA GLN A 121 38.00 -12.88 6.93
C GLN A 121 38.12 -11.65 7.85
N ALA A 122 38.94 -10.66 7.50
CA ALA A 122 39.12 -9.44 8.32
C ALA A 122 37.76 -8.77 8.58
N GLU A 123 37.66 -8.05 9.68
CA GLU A 123 36.39 -7.45 10.11
C GLU A 123 36.08 -6.26 9.19
N ALA A 124 37.11 -5.63 8.65
CA ALA A 124 36.96 -4.52 7.72
C ALA A 124 36.39 -5.02 6.38
N SER A 125 36.46 -6.33 6.16
CA SER A 125 35.99 -6.91 4.91
C SER A 125 34.48 -6.74 4.80
N SER A 126 33.77 -6.71 5.92
CA SER A 126 32.30 -6.71 5.92
C SER A 126 31.73 -5.34 6.27
N SER A 127 32.58 -4.32 6.42
CA SER A 127 32.11 -3.04 6.96
C SER A 127 32.49 -1.85 6.06
N ILE A 128 33.47 -2.01 5.15
CA ILE A 128 33.76 -0.98 4.15
C ILE A 128 32.56 -0.89 3.20
N ILE A 129 32.09 0.34 2.96
CA ILE A 129 30.81 0.57 2.29
C ILE A 129 31.01 0.87 0.80
N GLY A 130 32.00 1.69 0.46
CA GLY A 130 32.16 2.24 -0.89
C GLY A 130 32.66 1.21 -1.91
N GLN A 131 32.25 1.35 -3.17
CA GLN A 131 32.77 0.47 -4.23
C GLN A 131 32.80 1.14 -5.62
N PHE A 132 31.93 2.11 -5.88
CA PHE A 132 31.71 2.61 -7.24
C PHE A 132 32.64 3.78 -7.59
N GLY A 133 33.10 4.50 -6.59
CA GLY A 133 34.06 5.59 -6.82
C GLY A 133 33.39 6.86 -7.30
N VAL A 134 32.09 7.03 -7.01
CA VAL A 134 31.35 8.21 -7.50
C VAL A 134 30.64 8.95 -6.35
N GLY A 135 30.49 8.33 -5.18
CA GLY A 135 29.61 8.85 -4.13
C GLY A 135 29.93 10.29 -3.74
N PHE A 136 31.21 10.61 -3.65
CA PHE A 136 31.69 11.92 -3.19
C PHE A 136 31.13 13.06 -4.05
N TYR A 137 30.93 12.80 -5.34
CA TYR A 137 30.55 13.85 -6.29
C TYR A 137 29.09 14.27 -6.08
N SER A 138 28.33 13.48 -5.32
CA SER A 138 26.97 13.83 -4.94
C SER A 138 26.95 15.13 -4.11
N ALA A 139 28.09 15.59 -3.64
CA ALA A 139 28.19 16.90 -2.97
C ALA A 139 27.82 18.04 -3.93
N PHE A 140 28.19 17.90 -5.21
CA PHE A 140 27.95 18.94 -6.22
C PHE A 140 26.46 18.99 -6.60
N MET A 141 25.70 18.01 -6.13
CA MET A 141 24.25 18.01 -6.23
C MET A 141 23.69 19.23 -5.49
N VAL A 142 24.34 19.59 -4.38
CA VAL A 142 23.79 20.54 -3.42
C VAL A 142 24.73 21.73 -3.22
N ALA A 143 25.92 21.75 -3.80
CA ALA A 143 26.90 22.78 -3.44
C ALA A 143 27.59 23.37 -4.69
N ASP A 144 27.75 24.68 -4.66
CA ASP A 144 28.47 25.39 -5.72
C ASP A 144 29.97 25.22 -5.53
N LYS A 145 30.44 25.28 -4.27
CA LYS A 145 31.86 25.15 -3.95
C LYS A 145 32.04 23.99 -2.95
N VAL A 146 33.10 23.20 -3.13
CA VAL A 146 33.42 22.13 -2.21
C VAL A 146 34.89 22.24 -1.81
N GLU A 147 35.15 22.09 -0.52
CA GLU A 147 36.49 22.19 0.01
C GLU A 147 36.80 20.96 0.87
N VAL A 148 37.92 20.30 0.59
CA VAL A 148 38.35 19.14 1.35
C VAL A 148 39.69 19.45 2.02
N TYR A 149 39.71 19.41 3.35
CA TYR A 149 40.95 19.52 4.12
C TYR A 149 41.32 18.14 4.64
N SER A 150 42.53 17.68 4.33
CA SER A 150 42.89 16.31 4.69
C SER A 150 44.33 16.26 5.21
N GLN A 151 44.51 15.52 6.29
CA GLN A 151 45.82 15.22 6.83
C GLN A 151 45.97 13.69 6.88
N SER A 152 46.94 13.19 6.11
CA SER A 152 47.30 11.79 6.13
C SER A 152 47.75 11.39 7.55
N ALA A 153 47.72 10.08 7.84
CA ALA A 153 48.31 9.55 9.07
C ALA A 153 49.73 9.05 8.76
N GLU A 154 50.56 9.95 8.24
CA GLU A 154 51.89 9.62 7.70
C GLU A 154 52.94 10.53 8.36
N ALA A 155 54.19 10.40 7.92
CA ALA A 155 55.31 11.24 8.39
C ALA A 155 54.86 12.70 8.55
N PRO A 158 52.16 16.50 6.06
CA PRO A 158 51.76 17.68 5.32
C PRO A 158 50.27 17.65 4.98
N GLY A 159 49.51 18.62 5.51
CA GLY A 159 48.07 18.72 5.25
C GLY A 159 47.79 19.40 3.92
N TYR A 160 46.67 19.08 3.29
CA TYR A 160 46.33 19.67 2.00
C TYR A 160 44.86 20.13 1.97
N LYS A 161 44.62 21.08 1.08
CA LYS A 161 43.29 21.53 0.77
C LYS A 161 43.01 21.22 -0.71
N TRP A 162 41.91 20.52 -0.93
CA TRP A 162 41.38 20.21 -2.25
C TRP A 162 40.14 21.08 -2.46
N SER A 163 40.01 21.67 -3.65
CA SER A 163 38.99 22.67 -3.89
C SER A 163 38.48 22.58 -5.33
N SER A 164 37.17 22.64 -5.50
CA SER A 164 36.57 22.54 -6.82
C SER A 164 35.16 23.13 -6.81
N ASP A 165 34.79 23.75 -7.91
CA ASP A 165 33.44 24.26 -8.11
C ASP A 165 32.58 23.20 -8.82
N GLY A 166 33.16 22.07 -9.20
CA GLY A 166 32.43 20.99 -9.89
C GLY A 166 32.19 21.33 -11.35
N SER A 167 33.26 21.74 -12.05
CA SER A 167 33.18 22.15 -13.46
C SER A 167 34.45 21.72 -14.21
N GLY A 168 34.87 20.48 -13.97
CA GLY A 168 35.93 19.86 -14.77
C GLY A 168 37.33 20.12 -14.23
N VAL A 169 37.47 21.00 -13.24
CA VAL A 169 38.80 21.30 -12.69
C VAL A 169 38.75 21.35 -11.15
N PHE A 170 39.89 21.07 -10.54
CA PHE A 170 40.06 21.26 -9.09
C PHE A 170 41.47 21.80 -8.82
N GLU A 171 41.65 22.38 -7.64
CA GLU A 171 42.92 22.91 -7.19
C GLU A 171 43.36 22.21 -5.90
N VAL A 172 44.67 22.15 -5.68
CA VAL A 172 45.21 21.56 -4.46
C VAL A 172 46.35 22.46 -3.96
N ALA A 173 46.28 22.81 -2.68
CA ALA A 173 47.32 23.60 -2.03
C ALA A 173 47.66 22.96 -0.69
N GLU A 174 48.88 23.20 -0.21
CA GLU A 174 49.30 22.78 1.12
C GLU A 174 48.52 23.61 2.15
N ALA A 175 48.06 22.94 3.20
CA ALA A 175 47.30 23.61 4.25
C ALA A 175 47.97 23.35 5.60
N SER A 176 47.84 24.32 6.50
CA SER A 176 48.31 24.17 7.86
C SER A 176 47.12 24.07 8.82
N GLY A 177 47.36 23.53 10.01
CA GLY A 177 46.35 23.43 11.04
C GLY A 177 45.27 22.41 10.72
N VAL A 178 45.58 21.46 9.84
CA VAL A 178 44.62 20.41 9.44
C VAL A 178 44.80 19.19 10.35
N ARG A 179 43.70 18.81 10.99
CA ARG A 179 43.69 17.68 11.92
C ARG A 179 43.70 16.37 11.13
N GLN A 180 44.37 15.36 11.68
CA GLN A 180 44.41 14.05 11.04
C GLN A 180 42.97 13.61 10.74
N GLY A 181 42.77 13.22 9.50
CA GLY A 181 41.44 12.93 8.97
C GLY A 181 41.10 13.89 7.84
N THR A 182 39.80 14.03 7.60
CA THR A 182 39.28 14.74 6.43
C THR A 182 38.10 15.63 6.81
N LYS A 183 38.19 16.89 6.41
CA LYS A 183 37.10 17.85 6.61
C LYS A 183 36.56 18.26 5.24
N ILE A 184 35.26 18.11 5.04
CA ILE A 184 34.63 18.48 3.78
C ILE A 184 33.62 19.61 4.06
N VAL A 185 33.84 20.75 3.43
CA VAL A 185 32.95 21.89 3.55
C VAL A 185 32.17 22.05 2.24
N LEU A 186 30.85 22.10 2.35
CA LEU A 186 29.99 22.35 1.20
C LEU A 186 29.35 23.73 1.33
N HIS A 187 29.64 24.60 0.36
CA HIS A 187 28.94 25.87 0.23
C HIS A 187 27.64 25.65 -0.54
N LEU A 188 26.55 25.56 0.21
CA LEU A 188 25.30 25.06 -0.34
C LEU A 188 24.74 26.03 -1.38
N LYS A 189 24.04 25.45 -2.33
CA LYS A 189 23.27 26.19 -3.31
C LYS A 189 22.02 26.76 -2.63
N ASP A 190 21.48 27.80 -3.24
CA ASP A 190 20.37 28.58 -2.70
C ASP A 190 19.14 27.69 -2.48
N ASP A 191 18.88 26.77 -3.40
CA ASP A 191 17.71 25.90 -3.30
C ASP A 191 18.01 24.69 -2.39
N CYS A 192 19.24 24.57 -1.88
CA CYS A 192 19.65 23.44 -1.04
C CYS A 192 20.06 23.92 0.36
N LYS A 193 19.64 25.12 0.74
CA LYS A 193 20.09 25.72 1.99
C LYS A 193 19.44 25.02 3.19
N GLU A 194 18.43 24.17 2.94
CA GLU A 194 17.79 23.41 4.01
C GLU A 194 18.81 22.48 4.68
N PHE A 195 19.91 22.18 4.00
CA PHE A 195 20.96 21.34 4.58
C PHE A 195 21.90 22.17 5.45
N SER A 196 21.58 23.45 5.67
CA SER A 196 22.22 24.21 6.74
C SER A 196 21.29 24.25 7.97
N SER A 197 20.20 23.48 7.92
CA SER A 197 19.27 23.35 9.02
C SER A 197 19.60 22.09 9.83
N GLU A 198 19.74 22.26 11.13
CA GLU A 198 20.10 21.19 12.04
C GLU A 198 19.04 20.09 12.01
N ASP A 199 17.77 20.48 12.13
CA ASP A 199 16.64 19.54 12.18
C ASP A 199 16.63 18.69 10.91
N ARG A 200 16.90 19.31 9.78
CA ARG A 200 16.89 18.66 8.47
C ARG A 200 18.03 17.64 8.38
N VAL A 201 19.26 18.10 8.60
CA VAL A 201 20.41 17.19 8.55
C VAL A 201 20.18 16.02 9.51
N LYS A 202 19.60 16.29 10.66
CA LYS A 202 19.35 15.25 11.68
C LYS A 202 18.41 14.18 11.09
N GLU A 203 17.35 14.63 10.44
CA GLU A 203 16.41 13.75 9.73
C GLU A 203 17.14 12.77 8.81
N VAL A 204 18.11 13.28 8.06
CA VAL A 204 18.75 12.52 6.99
C VAL A 204 19.72 11.51 7.60
N VAL A 205 20.52 11.96 8.57
CA VAL A 205 21.43 11.08 9.26
C VAL A 205 20.65 9.89 9.83
N THR A 206 19.53 10.15 10.52
CA THR A 206 18.87 9.02 11.22
C THR A 206 18.12 8.16 10.20
N LYS A 207 17.84 8.68 9.03
CA LYS A 207 17.13 7.91 8.03
C LYS A 207 18.05 6.84 7.42
N TYR A 208 19.26 7.25 7.02
CA TYR A 208 20.16 6.38 6.25
C TYR A 208 21.33 5.86 7.10
N SER A 209 21.77 6.64 8.08
CA SER A 209 23.10 6.45 8.68
C SER A 209 23.02 6.23 10.20
N ASN A 210 21.86 5.81 10.71
CA ASN A 210 21.62 5.72 12.14
C ASN A 210 22.47 4.60 12.78
N PHE A 211 22.88 3.60 12.01
CA PHE A 211 23.57 2.45 12.58
C PHE A 211 25.01 2.41 12.07
N VAL A 212 25.54 3.53 11.61
CA VAL A 212 26.95 3.61 11.27
C VAL A 212 27.75 3.22 12.53
N SER A 213 28.86 2.51 12.33
CA SER A 213 29.60 1.89 13.44
C SER A 213 30.07 2.98 14.41
N PHE A 214 30.60 4.03 13.84
CA PHE A 214 31.26 5.09 14.58
C PHE A 214 30.21 6.09 15.08
N PRO A 215 30.51 6.79 16.19
CA PRO A 215 29.59 7.80 16.72
C PRO A 215 29.57 9.05 15.83
N ILE A 216 28.37 9.60 15.64
CA ILE A 216 28.16 10.76 14.78
C ILE A 216 27.67 11.93 15.64
N PHE A 217 28.34 13.05 15.51
CA PHE A 217 27.96 14.25 16.24
C PHE A 217 27.41 15.27 15.25
N LEU A 218 26.36 15.99 15.65
CA LEU A 218 25.85 17.13 14.90
C LEU A 218 25.86 18.37 15.78
N ASN A 219 26.69 19.34 15.43
CA ASN A 219 26.79 20.60 16.18
C ASN A 219 27.19 20.31 17.63
N GLY A 220 27.98 19.25 17.81
CA GLY A 220 28.51 18.91 19.13
C GLY A 220 27.71 17.83 19.85
N ARG A 221 26.58 17.39 19.30
CA ARG A 221 25.70 16.44 20.00
C ARG A 221 25.71 15.09 19.28
N ARG A 222 25.90 14.03 20.05
CA ARG A 222 25.86 12.65 19.57
C ARG A 222 24.43 12.36 19.07
N LEU A 223 24.30 11.58 18.00
CA LEU A 223 22.98 11.23 17.43
C LEU A 223 22.72 9.72 17.55
N ASN A 224 23.56 8.94 16.86
CA ASN A 224 23.27 7.55 16.49
C ASN A 224 23.54 6.60 17.67
N THR A 225 22.70 6.69 18.70
CA THR A 225 22.90 5.86 19.89
C THR A 225 22.33 4.45 19.65
N LEU A 226 21.65 4.22 18.53
CA LEU A 226 21.03 2.93 18.29
C LEU A 226 22.02 1.99 17.60
N GLN A 227 22.08 0.76 18.08
CA GLN A 227 23.03 -0.24 17.59
C GLN A 227 22.27 -1.24 16.71
N ALA A 228 22.95 -1.75 15.69
CA ALA A 228 22.34 -2.65 14.71
C ALA A 228 22.13 -4.04 15.32
N LEU A 229 20.99 -4.24 15.97
CA LEU A 229 20.70 -5.51 16.67
C LEU A 229 20.89 -6.73 15.76
N TRP A 230 20.64 -6.55 14.47
CA TRP A 230 20.61 -7.66 13.53
C TRP A 230 22.03 -8.21 13.28
N MET A 231 23.06 -7.49 13.72
CA MET A 231 24.44 -7.94 13.51
C MET A 231 25.00 -8.61 14.78
N MET A 232 24.20 -8.73 15.83
CA MET A 232 24.68 -9.25 17.11
C MET A 232 24.14 -10.67 17.34
N GLU A 233 24.70 -11.36 18.33
CA GLU A 233 24.36 -12.76 18.59
C GLU A 233 22.96 -12.84 19.23
N PRO A 234 22.03 -13.56 18.58
CA PRO A 234 20.62 -13.67 18.97
C PRO A 234 20.38 -13.86 20.48
N LYS A 235 21.12 -14.77 21.10
CA LYS A 235 20.82 -15.11 22.48
C LYS A 235 21.45 -14.07 23.43
N ASP A 236 22.31 -13.19 22.92
CA ASP A 236 22.86 -12.08 23.72
C ASP A 236 22.14 -10.79 23.34
N ILE A 237 20.85 -10.88 23.04
CA ILE A 237 19.99 -9.71 22.89
C ILE A 237 18.79 -9.90 23.82
N SER A 238 18.39 -8.81 24.45
CA SER A 238 17.34 -8.80 25.44
C SER A 238 15.98 -8.88 24.77
N GLU A 239 14.94 -8.97 25.59
CA GLU A 239 13.56 -8.90 25.11
C GLU A 239 13.17 -7.41 24.99
N TRP A 240 13.69 -6.60 25.92
CA TRP A 240 13.44 -5.16 25.94
C TRP A 240 14.17 -4.46 24.78
N GLN A 241 15.30 -5.01 24.31
CA GLN A 241 16.03 -4.38 23.18
C GLN A 241 15.25 -4.58 21.87
N HIS A 242 14.73 -5.78 21.67
CA HIS A 242 13.89 -6.08 20.49
C HIS A 242 12.68 -5.16 20.48
N GLU A 243 12.07 -5.02 21.65
CA GLU A 243 10.93 -4.14 21.87
C GLU A 243 11.27 -2.73 21.40
N GLU A 244 12.43 -2.24 21.82
CA GLU A 244 12.93 -0.92 21.43
C GLU A 244 13.20 -0.89 19.92
N PHE A 245 13.96 -1.87 19.43
CA PHE A 245 14.41 -1.85 18.05
C PHE A 245 13.20 -1.98 17.11
N TYR A 246 12.35 -2.97 17.39
CA TYR A 246 11.12 -3.19 16.64
C TYR A 246 10.41 -1.85 16.42
N ARG A 247 10.15 -1.18 17.53
CA ARG A 247 9.33 0.01 17.55
C ARG A 247 9.97 1.07 16.64
N TYR A 248 11.28 1.15 16.71
CA TYR A 248 12.04 2.11 15.96
C TYR A 248 11.91 1.82 14.45
N VAL A 249 12.20 0.60 14.06
CA VAL A 249 12.28 0.26 12.63
C VAL A 249 10.86 0.08 12.05
N ALA A 250 9.89 -0.31 12.88
CA ALA A 250 8.51 -0.47 12.44
C ALA A 250 7.79 0.89 12.42
N GLN A 251 8.38 1.91 13.04
CA GLN A 251 7.71 3.17 13.30
C GLN A 251 6.37 2.87 13.99
N ALA A 252 6.43 2.11 15.08
CA ALA A 252 5.22 1.71 15.79
C ALA A 252 5.36 2.05 17.28
N TYR A 253 4.37 1.65 18.08
CA TYR A 253 4.34 1.98 19.51
C TYR A 253 3.86 0.80 20.34
N ASP A 254 3.70 -0.37 19.73
CA ASP A 254 3.27 -1.57 20.44
C ASP A 254 4.51 -2.45 20.68
N LYS A 255 4.29 -3.71 21.02
CA LYS A 255 5.34 -4.69 21.13
C LYS A 255 5.30 -5.63 19.91
N PRO A 256 6.43 -6.29 19.59
CA PRO A 256 6.35 -7.43 18.71
C PRO A 256 5.80 -8.65 19.48
N ARG A 257 4.85 -9.35 18.87
CA ARG A 257 4.30 -10.55 19.48
C ARG A 257 5.17 -11.76 19.10
N TYR A 258 5.88 -11.65 17.97
CA TYR A 258 6.84 -12.66 17.57
C TYR A 258 8.14 -11.98 17.11
N THR A 259 9.27 -12.55 17.50
CA THR A 259 10.58 -12.08 17.07
C THR A 259 11.32 -13.24 16.41
N LEU A 260 11.80 -13.04 15.19
CA LEU A 260 12.67 -14.01 14.54
C LEU A 260 14.00 -13.33 14.17
N HIS A 261 15.06 -13.75 14.85
CA HIS A 261 16.40 -13.25 14.59
C HIS A 261 17.14 -14.30 13.75
N TYR A 262 17.23 -14.06 12.45
CA TYR A 262 17.80 -15.03 11.51
C TYR A 262 19.15 -14.52 11.00
N ARG A 263 20.21 -15.13 11.49
CA ARG A 263 21.54 -14.97 10.92
C ARG A 263 21.84 -16.21 10.08
N ALA A 264 22.48 -16.04 8.94
CA ALA A 264 22.97 -17.19 8.19
C ALA A 264 24.09 -16.73 7.25
N ASP A 265 25.20 -17.46 7.26
CA ASP A 265 26.28 -17.24 6.30
C ASP A 265 26.03 -18.11 5.06
N ALA A 266 24.99 -18.95 5.11
CA ALA A 266 24.89 -20.16 4.29
C ALA A 266 24.55 -19.85 2.83
N PRO A 267 23.26 -19.86 2.42
CA PRO A 267 23.12 -19.63 0.98
C PRO A 267 23.60 -18.22 0.61
N LEU A 268 23.41 -17.28 1.52
CA LEU A 268 23.86 -15.91 1.33
C LEU A 268 24.31 -15.35 2.69
N ASN A 269 25.00 -14.21 2.70
CA ASN A 269 25.17 -13.49 3.95
C ASN A 269 23.84 -12.82 4.31
N ILE A 270 23.23 -13.29 5.40
CA ILE A 270 21.96 -12.75 5.91
C ILE A 270 22.13 -12.37 7.38
N ARG A 271 21.92 -11.10 7.68
CA ARG A 271 21.76 -10.64 9.04
C ARG A 271 20.39 -9.97 9.15
N SER A 272 19.41 -10.62 9.78
CA SER A 272 18.02 -10.14 9.70
C SER A 272 17.27 -10.34 11.01
N ILE A 273 16.26 -9.50 11.20
CA ILE A 273 15.29 -9.64 12.30
C ILE A 273 13.90 -9.33 11.76
N PHE A 274 12.94 -10.20 12.06
CA PHE A 274 11.57 -10.03 11.64
C PHE A 274 10.66 -10.00 12.87
N TYR A 275 9.64 -9.16 12.80
CA TYR A 275 8.71 -9.00 13.89
C TYR A 275 7.27 -9.11 13.36
N VAL A 276 6.41 -9.73 14.16
CA VAL A 276 4.99 -9.62 13.94
C VAL A 276 4.44 -8.63 14.97
N PRO A 277 3.81 -7.54 14.52
CA PRO A 277 3.21 -6.60 15.44
C PRO A 277 2.20 -7.27 16.38
N GLU A 278 2.11 -6.76 17.60
CA GLU A 278 1.13 -7.22 18.56
C GLU A 278 -0.26 -6.81 18.07
N MET A 279 -0.34 -5.60 17.52
CA MET A 279 -1.64 -5.06 17.13
C MET A 279 -2.03 -5.61 15.75
N LYS A 280 -3.27 -6.06 15.66
CA LYS A 280 -3.88 -6.40 14.39
C LYS A 280 -3.93 -5.14 13.52
N PRO A 281 -3.69 -5.27 12.21
CA PRO A 281 -3.85 -4.15 11.26
C PRO A 281 -5.32 -4.03 10.82
N SER A 282 -5.76 -2.86 10.34
CA SER A 282 -7.19 -2.67 10.06
C SER A 282 -7.44 -1.46 9.14
N MET A 283 -8.68 -0.96 9.24
CA MET A 283 -9.21 0.13 8.42
C MET A 283 -8.69 1.48 8.93
N PHE A 284 -7.42 1.78 8.67
CA PHE A 284 -6.82 3.08 9.04
C PHE A 284 -5.29 2.97 9.13
N ASP A 285 -4.66 2.36 8.12
CA ASP A 285 -3.21 2.16 8.10
C ASP A 285 -2.62 2.90 6.89
N SER A 292 4.84 1.05 7.14
CA SER A 292 6.16 0.60 6.66
C SER A 292 6.13 -0.91 6.36
N SER A 293 7.29 -1.44 6.01
CA SER A 293 7.47 -2.88 5.81
C SER A 293 8.80 -3.30 6.47
N VAL A 294 9.38 -4.40 6.00
CA VAL A 294 10.76 -4.71 6.34
C VAL A 294 11.67 -3.78 5.51
N ALA A 295 12.76 -3.32 6.12
CA ALA A 295 13.73 -2.47 5.44
C ALA A 295 14.96 -3.27 5.03
N LEU A 296 15.56 -2.86 3.92
CA LEU A 296 16.76 -3.50 3.43
C LEU A 296 17.97 -2.61 3.74
N TYR A 297 18.96 -3.22 4.38
CA TYR A 297 20.21 -2.57 4.68
C TYR A 297 21.35 -3.36 4.00
N SER A 298 22.50 -2.72 3.90
CA SER A 298 23.71 -3.39 3.47
C SER A 298 24.90 -2.74 4.17
N ARG A 299 25.57 -3.49 5.03
CA ARG A 299 26.70 -2.99 5.80
C ARG A 299 26.25 -1.84 6.70
N LYS A 300 25.04 -1.98 7.25
CA LYS A 300 24.45 -1.09 8.27
C LYS A 300 23.90 0.21 7.66
N ILE A 301 23.98 0.36 6.34
CA ILE A 301 23.47 1.53 5.62
C ILE A 301 22.13 1.17 4.97
N LEU A 302 21.14 2.05 5.05
CA LEU A 302 19.82 1.77 4.49
C LEU A 302 19.88 1.78 2.96
N ILE A 303 19.22 0.81 2.35
CA ILE A 303 19.08 0.75 0.89
C ILE A 303 17.64 1.11 0.51
N GLN A 304 16.69 0.43 1.14
CA GLN A 304 15.26 0.66 0.91
C GLN A 304 14.51 0.58 2.24
N THR A 305 13.68 1.58 2.53
CA THR A 305 12.84 1.52 3.72
C THR A 305 11.78 0.42 3.52
N LYS A 306 11.28 0.30 2.29
CA LYS A 306 10.37 -0.77 1.93
C LYS A 306 11.07 -1.71 0.94
N ALA A 307 11.65 -2.78 1.48
CA ALA A 307 12.33 -3.77 0.66
C ALA A 307 11.30 -4.45 -0.25
N THR A 308 11.58 -4.48 -1.55
CA THR A 308 10.56 -4.87 -2.51
C THR A 308 10.70 -6.34 -2.91
N ASP A 309 11.93 -6.79 -3.18
CA ASP A 309 12.10 -8.07 -3.88
C ASP A 309 12.73 -9.13 -2.96
N ILE A 310 12.80 -8.87 -1.66
CA ILE A 310 13.51 -9.80 -0.77
C ILE A 310 12.49 -10.74 -0.10
N LEU A 311 11.26 -10.29 0.15
CA LEU A 311 10.23 -11.20 0.65
C LEU A 311 9.08 -11.28 -0.36
N PRO A 312 8.32 -12.38 -0.31
CA PRO A 312 7.07 -12.45 -1.04
C PRO A 312 6.12 -11.32 -0.59
N LYS A 313 5.02 -11.18 -1.30
CA LYS A 313 4.08 -10.12 -1.03
C LYS A 313 3.22 -10.46 0.20
N TRP A 314 2.87 -11.73 0.37
CA TRP A 314 1.98 -12.13 1.46
C TRP A 314 2.67 -11.97 2.82
N LEU A 315 4.00 -11.83 2.83
CA LEU A 315 4.75 -11.73 4.09
C LEU A 315 5.01 -10.26 4.47
N ARG A 316 4.26 -9.33 3.88
CA ARG A 316 4.53 -7.90 4.06
C ARG A 316 4.01 -7.42 5.42
N PHE A 317 3.25 -8.26 6.11
CA PHE A 317 2.78 -7.93 7.47
C PHE A 317 3.96 -7.91 8.45
N LEU A 318 5.10 -8.48 8.06
CA LEU A 318 6.30 -8.48 8.89
C LEU A 318 6.96 -7.09 8.88
N ARG A 319 7.40 -6.66 10.06
CA ARG A 319 8.26 -5.51 10.19
C ARG A 319 9.66 -6.02 10.50
N GLY A 320 10.68 -5.21 10.26
CA GLY A 320 12.02 -5.56 10.68
C GLY A 320 13.06 -5.14 9.66
N VAL A 321 14.14 -5.91 9.57
CA VAL A 321 15.29 -5.50 8.81
C VAL A 321 15.93 -6.72 8.17
N VAL A 322 16.51 -6.52 7.00
CA VAL A 322 17.33 -7.52 6.36
C VAL A 322 18.60 -6.82 5.85
N ASP A 323 19.76 -7.37 6.18
CA ASP A 323 21.03 -6.81 5.79
C ASP A 323 21.88 -7.94 5.21
N SER A 324 22.23 -7.82 3.93
CA SER A 324 23.26 -8.65 3.32
C SER A 324 24.42 -7.77 2.89
N GLU A 325 25.62 -8.31 2.97
CA GLU A 325 26.82 -7.55 2.69
C GLU A 325 27.40 -7.92 1.32
N ASP A 326 26.84 -8.94 0.65
CA ASP A 326 27.36 -9.37 -0.65
C ASP A 326 26.19 -9.42 -1.64
N ILE A 327 25.24 -8.52 -1.42
CA ILE A 327 24.09 -8.36 -2.27
C ILE A 327 24.44 -7.29 -3.31
N PRO A 328 24.19 -7.57 -4.60
CA PRO A 328 24.69 -6.65 -5.63
C PRO A 328 23.85 -5.36 -5.67
N LEU A 329 24.47 -4.23 -5.34
CA LEU A 329 23.75 -2.96 -5.26
C LEU A 329 23.75 -2.26 -6.63
N ASN A 330 22.66 -1.55 -6.85
CA ASN A 330 22.54 -0.61 -7.94
C ASN A 330 23.43 0.61 -7.63
N LEU A 331 23.89 1.30 -8.67
CA LEU A 331 24.77 2.50 -8.52
C LEU A 331 24.10 3.57 -7.64
N SER A 332 22.77 3.66 -7.69
CA SER A 332 22.01 4.62 -6.90
C SER A 332 22.04 4.24 -5.41
N ARG A 333 22.29 2.97 -5.09
CA ARG A 333 22.27 2.48 -3.70
C ARG A 333 20.88 2.66 -3.08
N GLU A 334 19.82 2.67 -3.90
CA GLU A 334 18.45 2.52 -3.41
C GLU A 334 17.76 1.34 -4.12
N LEU A 335 18.52 0.55 -4.87
CA LEU A 335 17.97 -0.60 -5.59
C LEU A 335 18.97 -1.75 -5.57
N LEU A 336 18.43 -2.94 -5.73
CA LEU A 336 19.25 -4.10 -5.98
C LEU A 336 19.25 -4.37 -7.48
N GLN A 337 20.38 -4.87 -7.96
CA GLN A 337 20.47 -5.40 -9.30
C GLN A 337 19.74 -6.75 -9.35
N GLU A 338 19.06 -6.99 -10.47
CA GLU A 338 18.44 -8.26 -10.75
C GLU A 338 19.52 -9.36 -10.70
N SER A 339 19.27 -10.39 -9.90
CA SER A 339 20.30 -11.41 -9.60
C SER A 339 19.62 -12.70 -9.16
N ALA A 340 20.30 -13.82 -9.37
CA ALA A 340 19.80 -15.12 -8.91
C ALA A 340 19.86 -15.19 -7.38
N LEU A 341 20.79 -14.44 -6.77
CA LEU A 341 20.98 -14.43 -5.30
C LEU A 341 19.73 -13.89 -4.60
N ILE A 342 19.11 -12.86 -5.18
CA ILE A 342 17.96 -12.21 -4.57
C ILE A 342 16.72 -13.10 -4.72
N ARG A 343 16.59 -13.81 -5.84
CA ARG A 343 15.45 -14.71 -6.04
C ARG A 343 15.58 -15.93 -5.10
N LYS A 344 16.81 -16.27 -4.74
CA LYS A 344 17.08 -17.34 -3.78
C LYS A 344 16.85 -16.83 -2.35
N LEU A 345 17.38 -15.67 -2.01
CA LEU A 345 17.22 -15.10 -0.66
C LEU A 345 15.72 -15.04 -0.30
N ARG A 346 14.91 -14.67 -1.27
CA ARG A 346 13.47 -14.59 -1.10
C ARG A 346 12.88 -15.98 -0.86
N ASP A 347 13.35 -16.97 -1.61
CA ASP A 347 12.88 -18.34 -1.43
C ASP A 347 13.29 -18.83 -0.05
N VAL A 348 14.49 -18.43 0.39
CA VAL A 348 15.07 -18.86 1.66
C VAL A 348 14.30 -18.21 2.83
N LEU A 349 14.03 -16.92 2.72
CA LEU A 349 13.32 -16.19 3.77
C LEU A 349 11.89 -16.68 3.90
N GLN A 350 11.23 -16.98 2.77
CA GLN A 350 9.86 -17.45 2.81
C GLN A 350 9.80 -18.78 3.56
N GLN A 351 10.73 -19.68 3.27
CA GLN A 351 10.73 -21.00 3.92
C GLN A 351 11.09 -20.86 5.40
N ARG A 352 12.01 -19.96 5.72
CA ARG A 352 12.46 -19.79 7.10
C ARG A 352 11.36 -19.17 7.96
N VAL A 353 10.59 -18.25 7.39
CA VAL A 353 9.52 -17.57 8.13
C VAL A 353 8.36 -18.56 8.37
N ILE A 354 8.13 -19.45 7.40
CA ILE A 354 7.06 -20.46 7.50
C ILE A 354 7.43 -21.47 8.60
N ARG A 355 8.68 -21.89 8.61
CA ARG A 355 9.13 -22.85 9.61
C ARG A 355 9.03 -22.24 11.00
N PHE A 356 9.32 -20.94 11.09
CA PHE A 356 9.27 -20.22 12.35
C PHE A 356 7.84 -20.16 12.88
N LEU A 357 6.88 -19.96 11.99
CA LEU A 357 5.49 -19.80 12.39
C LEU A 357 4.89 -21.16 12.77
N LEU A 358 5.35 -22.24 12.13
CA LEU A 358 4.91 -23.59 12.49
C LEU A 358 5.42 -23.92 13.90
N ASP A 359 6.70 -23.64 14.14
CA ASP A 359 7.30 -23.83 15.45
C ASP A 359 6.46 -23.09 16.51
N GLN A 360 5.91 -21.93 16.16
CA GLN A 360 5.11 -21.16 17.10
C GLN A 360 3.74 -21.82 17.31
N SER A 361 3.21 -22.50 16.29
CA SER A 361 1.93 -23.20 16.42
C SER A 361 2.07 -24.44 17.32
N LYS A 362 3.28 -24.78 17.69
CA LYS A 362 3.56 -25.89 18.58
C LYS A 362 3.85 -25.37 20.00
N LYS A 363 4.83 -24.48 20.08
CA LYS A 363 5.28 -23.88 21.34
C LYS A 363 4.08 -23.34 22.14
N ASP A 364 3.12 -22.73 21.44
CA ASP A 364 1.98 -22.10 22.09
C ASP A 364 0.79 -22.09 21.11
N PRO A 365 0.03 -23.19 21.05
CA PRO A 365 -1.08 -23.26 20.10
C PRO A 365 -2.17 -22.22 20.41
N GLU A 366 -2.32 -21.87 21.68
CA GLU A 366 -3.27 -20.84 22.06
C GLU A 366 -2.85 -19.51 21.43
N LYS A 367 -1.58 -19.15 21.57
CA LYS A 367 -1.09 -17.86 21.09
C LYS A 367 -1.14 -17.82 19.55
N TYR A 368 -0.76 -18.92 18.91
CA TYR A 368 -0.80 -18.99 17.45
C TYR A 368 -2.23 -18.78 16.96
N ALA A 369 -3.20 -19.32 17.68
CA ALA A 369 -4.61 -19.18 17.33
C ALA A 369 -4.95 -17.70 17.13
N ARG A 370 -4.60 -16.87 18.11
CA ARG A 370 -4.85 -15.42 18.04
C ARG A 370 -4.15 -14.85 16.81
N PHE A 371 -2.91 -15.23 16.61
CA PHE A 371 -2.12 -14.72 15.49
C PHE A 371 -2.78 -15.09 14.15
N PHE A 372 -3.43 -16.25 14.08
CA PHE A 372 -4.08 -16.67 12.85
C PHE A 372 -5.44 -15.96 12.67
N GLU A 373 -6.05 -15.53 13.76
CA GLU A 373 -7.24 -14.69 13.66
C GLU A 373 -6.88 -13.39 12.96
N ASP A 374 -5.75 -12.80 13.35
CA ASP A 374 -5.41 -11.43 13.00
C ASP A 374 -4.76 -11.37 11.62
N TYR A 375 -3.90 -12.33 11.31
CA TYR A 375 -3.03 -12.25 10.14
C TYR A 375 -3.29 -13.40 9.15
N GLY A 376 -4.20 -14.31 9.46
CA GLY A 376 -4.43 -15.50 8.62
C GLY A 376 -4.84 -15.16 7.19
N LEU A 377 -5.37 -13.95 7.01
CA LEU A 377 -5.73 -13.43 5.69
C LEU A 377 -4.49 -13.39 4.78
N PHE A 378 -3.31 -13.18 5.36
CA PHE A 378 -2.08 -13.09 4.57
C PHE A 378 -1.67 -14.47 4.03
N MET A 379 -1.86 -15.55 4.79
CA MET A 379 -1.52 -16.88 4.27
C MET A 379 -2.46 -17.18 3.09
N ARG A 380 -3.75 -17.00 3.36
CA ARG A 380 -4.80 -17.19 2.37
C ARG A 380 -4.38 -16.50 1.06
N GLU A 381 -3.95 -15.25 1.16
CA GLU A 381 -3.48 -14.51 -0.01
C GLU A 381 -2.28 -15.24 -0.62
N GLY A 382 -1.35 -15.67 0.22
CA GLY A 382 -0.16 -16.40 -0.23
C GLY A 382 -0.50 -17.60 -1.10
N ILE A 383 -1.52 -18.35 -0.71
CA ILE A 383 -1.89 -19.57 -1.40
C ILE A 383 -2.51 -19.22 -2.75
N VAL A 384 -3.33 -18.19 -2.78
CA VAL A 384 -4.10 -17.81 -3.96
C VAL A 384 -3.18 -17.16 -5.00
N THR A 385 -2.06 -16.58 -4.57
CA THR A 385 -1.23 -15.77 -5.47
C THR A 385 -0.07 -16.58 -6.06
N THR A 386 0.71 -17.27 -5.23
CA THR A 386 1.96 -17.89 -5.70
C THR A 386 1.64 -18.97 -6.74
N GLY A 387 2.52 -19.13 -7.72
CA GLY A 387 2.35 -20.14 -8.77
C GLY A 387 2.82 -21.51 -8.31
N GLU A 388 3.95 -21.54 -7.62
CA GLU A 388 4.58 -22.81 -7.20
C GLU A 388 3.55 -23.60 -6.37
N GLN A 389 3.25 -24.82 -6.78
CA GLN A 389 2.29 -25.68 -6.05
C GLN A 389 2.97 -26.23 -4.78
N SER A 390 4.28 -26.47 -4.86
CA SER A 390 5.07 -26.90 -3.70
C SER A 390 4.92 -25.90 -2.54
N VAL A 391 4.99 -24.61 -2.87
CA VAL A 391 4.96 -23.53 -1.88
C VAL A 391 3.54 -23.35 -1.35
N LYS A 392 2.52 -23.44 -2.21
CA LYS A 392 1.13 -23.30 -1.78
C LYS A 392 0.82 -24.25 -0.61
N GLU A 393 1.36 -25.47 -0.63
CA GLU A 393 1.08 -26.46 0.43
C GLU A 393 1.96 -26.16 1.65
N ASP A 394 3.07 -25.44 1.47
CA ASP A 394 3.93 -25.00 2.59
C ASP A 394 3.17 -23.98 3.44
N ILE A 395 2.58 -23.00 2.78
CA ILE A 395 1.84 -21.93 3.44
C ILE A 395 0.57 -22.53 4.07
N ALA A 396 0.03 -23.58 3.45
CA ALA A 396 -1.23 -24.20 3.87
C ALA A 396 -1.06 -24.93 5.20
N LYS A 397 0.20 -25.11 5.63
CA LYS A 397 0.53 -25.75 6.89
C LYS A 397 0.18 -24.82 8.05
N LEU A 398 0.00 -23.54 7.75
CA LEU A 398 -0.31 -22.51 8.74
C LEU A 398 -1.83 -22.37 8.91
N LEU A 399 -2.60 -22.70 7.87
CA LEU A 399 -4.06 -22.55 7.89
C LEU A 399 -4.65 -23.38 9.04
N ARG A 400 -5.72 -22.85 9.62
CA ARG A 400 -6.47 -23.51 10.67
C ARG A 400 -7.96 -23.44 10.32
N PHE A 401 -8.69 -24.50 10.65
CA PHE A 401 -10.13 -24.56 10.45
C PHE A 401 -10.76 -25.40 11.57
N GLU A 402 -12.07 -25.52 11.53
CA GLU A 402 -12.76 -26.49 12.38
C GLU A 402 -13.03 -27.76 11.56
N SER A 403 -13.31 -28.88 12.21
CA SER A 403 -13.55 -30.14 11.48
C SER A 403 -14.98 -30.61 11.70
N SER A 404 -15.43 -31.49 10.80
CA SER A 404 -16.70 -32.17 10.97
C SER A 404 -16.67 -32.99 12.27
N ALA A 405 -15.54 -33.65 12.53
CA ALA A 405 -15.39 -34.63 13.63
C ALA A 405 -14.99 -33.94 14.95
N LEU A 406 -14.33 -32.78 14.88
CA LEU A 406 -13.91 -32.06 16.09
C LEU A 406 -15.09 -31.24 16.65
N PRO A 407 -15.00 -30.79 17.92
CA PRO A 407 -15.89 -29.84 18.59
C PRO A 407 -15.65 -28.39 18.14
N ALA A 408 -16.55 -27.50 18.58
CA ALA A 408 -16.56 -26.10 18.14
C ALA A 408 -15.48 -25.31 18.88
N GLY A 409 -15.15 -24.16 18.31
CA GLY A 409 -14.15 -23.24 18.89
C GLY A 409 -12.73 -23.81 18.87
N GLN A 410 -12.58 -25.03 18.37
CA GLN A 410 -11.29 -25.73 18.35
C GLN A 410 -10.91 -26.01 16.89
N GLN A 411 -9.65 -25.77 16.55
CA GLN A 411 -9.19 -25.83 15.16
C GLN A 411 -8.05 -26.84 15.02
N THR A 412 -7.74 -27.17 13.77
CA THR A 412 -6.70 -28.12 13.44
C THR A 412 -6.06 -27.74 12.10
N SER A 413 -4.84 -28.23 11.90
CA SER A 413 -4.15 -28.03 10.64
C SER A 413 -4.67 -29.03 9.60
N LEU A 414 -4.40 -28.71 8.34
CA LEU A 414 -4.71 -29.55 7.19
C LEU A 414 -3.90 -30.84 7.27
N MET A 415 -2.77 -30.76 7.97
CA MET A 415 -1.88 -31.90 8.13
C MET A 415 -2.30 -32.71 9.36
N GLU A 416 -3.57 -32.75 9.71
CA GLU A 416 -3.95 -33.65 10.78
C GLU A 416 -4.43 -34.98 10.15
N TYR A 417 -3.44 -35.85 9.87
CA TYR A 417 -3.53 -37.19 9.22
C TYR A 417 -4.63 -37.22 8.15
N SER A 418 -5.57 -38.16 8.26
CA SER A 418 -6.77 -38.30 7.38
C SER A 418 -7.73 -39.34 7.97
N SER A 419 -7.84 -39.40 9.31
CA SER A 419 -8.70 -40.41 9.96
C SER A 419 -9.14 -39.86 11.32
N ALA A 423 -8.73 -44.94 5.97
CA ALA A 423 -7.64 -45.85 5.60
C ALA A 423 -7.33 -45.71 4.10
N GLY A 424 -8.34 -45.88 3.26
CA GLY A 424 -8.21 -45.64 1.81
C GLY A 424 -8.17 -44.17 1.49
N THR A 425 -8.87 -43.39 2.31
CA THR A 425 -8.93 -41.93 2.22
C THR A 425 -7.87 -41.41 1.26
N ARG A 426 -8.28 -40.71 0.20
CA ARG A 426 -7.33 -40.16 -0.78
C ARG A 426 -7.84 -38.82 -1.34
N ASN A 427 -8.65 -38.07 -0.59
CA ASN A 427 -9.18 -36.77 -1.08
C ASN A 427 -9.15 -35.71 0.01
N TYR A 429 -12.62 -32.68 1.49
CA TYR A 429 -13.70 -32.88 2.47
C TYR A 429 -13.86 -31.61 3.33
N TYR A 430 -14.14 -30.48 2.67
CA TYR A 430 -14.36 -29.22 3.37
C TYR A 430 -15.75 -28.66 3.01
N LEU A 431 -16.35 -27.96 3.96
CA LEU A 431 -17.57 -27.19 3.75
C LEU A 431 -17.36 -25.78 4.29
N CYS A 432 -17.13 -24.83 3.39
CA CYS A 432 -16.99 -23.44 3.76
C CYS A 432 -18.38 -22.86 4.09
N ALA A 433 -18.60 -22.49 5.35
CA ALA A 433 -19.87 -21.95 5.77
C ALA A 433 -19.65 -20.73 6.69
N PRO A 434 -20.64 -19.83 6.77
CA PRO A 434 -20.58 -18.68 7.66
C PRO A 434 -20.27 -19.05 9.12
N ASN A 435 -20.98 -20.03 9.67
CA ASN A 435 -20.79 -20.40 11.08
C ASN A 435 -21.15 -21.88 11.30
N ARG A 436 -20.96 -22.31 12.54
CA ARG A 436 -21.16 -23.70 12.97
C ARG A 436 -22.58 -24.18 12.67
N HIS A 437 -23.58 -23.49 13.22
CA HIS A 437 -24.97 -23.94 13.18
C HIS A 437 -25.42 -24.22 11.74
N LEU A 438 -25.01 -23.36 10.80
CA LEU A 438 -25.42 -23.52 9.39
C LEU A 438 -24.76 -24.75 8.78
N ALA A 439 -23.50 -25.01 9.16
CA ALA A 439 -22.72 -26.13 8.62
C ALA A 439 -23.33 -27.48 9.06
N GLU A 440 -23.54 -27.60 10.37
CA GLU A 440 -24.02 -28.85 10.96
C GLU A 440 -25.41 -29.20 10.43
N HIS A 441 -26.09 -28.25 9.78
CA HIS A 441 -27.40 -28.49 9.21
C HIS A 441 -27.35 -28.37 7.67
N SER A 442 -26.22 -28.73 7.06
CA SER A 442 -26.13 -28.73 5.60
C SER A 442 -26.71 -30.04 5.04
N PRO A 443 -27.31 -29.99 3.85
CA PRO A 443 -27.70 -31.22 3.18
C PRO A 443 -26.44 -32.02 2.79
N TYR A 444 -25.39 -31.32 2.38
CA TYR A 444 -24.21 -31.96 1.82
C TYR A 444 -23.25 -32.36 2.94
N PHE A 445 -23.51 -31.93 4.18
CA PHE A 445 -22.70 -32.31 5.33
C PHE A 445 -23.09 -33.70 5.81
N GLU A 446 -24.32 -34.12 5.51
CA GLU A 446 -24.79 -35.43 5.98
C GLU A 446 -23.88 -36.55 5.48
N ALA A 447 -23.09 -36.29 4.44
CA ALA A 447 -21.94 -37.13 4.10
C ALA A 447 -20.79 -36.85 5.07
N LEU A 456 -14.30 -30.87 6.90
CA LEU A 456 -13.65 -29.65 7.37
C LEU A 456 -14.65 -28.49 7.40
N PHE A 457 -14.53 -27.63 8.39
CA PHE A 457 -15.42 -26.46 8.56
C PHE A 457 -14.62 -25.16 8.44
N CYS A 458 -14.70 -24.53 7.28
CA CYS A 458 -13.93 -23.32 7.00
CA CYS A 458 -13.94 -23.31 7.00
C CYS A 458 -14.85 -22.10 7.14
N PHE A 459 -14.89 -21.51 8.34
CA PHE A 459 -15.86 -20.45 8.68
C PHE A 459 -15.38 -19.07 8.23
N GLU A 460 -14.09 -18.90 7.99
CA GLU A 460 -13.54 -17.57 7.72
C GLU A 460 -13.76 -17.20 6.25
N GLN A 461 -13.75 -15.89 5.97
CA GLN A 461 -13.97 -15.39 4.61
C GLN A 461 -12.72 -15.62 3.78
N PHE A 462 -12.92 -15.92 2.51
CA PHE A 462 -11.86 -16.24 1.54
C PHE A 462 -11.30 -17.66 1.76
N ASP A 463 -11.91 -18.44 2.65
CA ASP A 463 -11.47 -19.82 2.86
C ASP A 463 -11.80 -20.66 1.63
N GLU A 464 -12.98 -20.43 1.04
CA GLU A 464 -13.39 -21.15 -0.17
C GLU A 464 -12.35 -20.92 -1.26
N LEU A 465 -12.23 -19.65 -1.66
CA LEU A 465 -11.28 -19.22 -2.69
C LEU A 465 -9.88 -19.73 -2.37
N THR A 466 -9.56 -19.84 -1.09
CA THR A 466 -8.24 -20.29 -0.64
C THR A 466 -8.00 -21.75 -1.05
N LEU A 467 -8.96 -22.63 -0.76
CA LEU A 467 -8.78 -24.06 -1.05
C LEU A 467 -9.05 -24.32 -2.53
N LEU A 468 -9.81 -23.43 -3.18
CA LEU A 468 -10.10 -23.54 -4.61
C LEU A 468 -8.81 -23.29 -5.42
N HIS A 469 -7.91 -22.46 -4.89
CA HIS A 469 -6.58 -22.28 -5.49
C HIS A 469 -5.63 -23.35 -4.99
N LEU A 470 -5.84 -23.80 -3.75
CA LEU A 470 -4.96 -24.83 -3.19
C LEU A 470 -5.02 -26.09 -4.06
N ARG A 471 -6.23 -26.63 -4.21
CA ARG A 471 -6.52 -27.78 -5.10
C ARG A 471 -5.98 -29.09 -4.49
N GLU A 472 -4.71 -29.15 -4.11
CA GLU A 472 -4.17 -30.35 -3.46
C GLU A 472 -3.28 -29.94 -2.28
N PHE A 473 -3.27 -30.82 -1.28
CA PHE A 473 -2.34 -30.74 -0.16
C PHE A 473 -1.97 -32.16 0.26
N ASP A 474 -0.68 -32.41 0.50
CA ASP A 474 -0.18 -33.72 0.92
C ASP A 474 -0.24 -34.70 -0.26
N ARG A 475 -0.21 -34.19 -1.49
CA ARG A 475 -0.55 -34.99 -2.69
C ARG A 475 -2.01 -35.45 -2.61
N LYS A 476 -2.62 -35.29 -1.44
CA LYS A 476 -3.99 -35.71 -1.16
C LYS A 476 -4.95 -34.69 -1.78
N LYS A 477 -6.25 -34.88 -1.58
CA LYS A 477 -7.25 -34.06 -2.24
C LYS A 477 -8.21 -33.49 -1.20
N LEU A 478 -9.19 -32.73 -1.69
CA LEU A 478 -10.17 -32.00 -0.89
C LEU A 478 -11.20 -31.38 -1.84
N ILE A 479 -12.48 -31.72 -1.76
CA ILE A 479 -13.44 -31.10 -2.70
C ILE A 479 -14.59 -30.47 -1.89
N SER A 480 -15.29 -29.53 -2.52
CA SER A 480 -16.40 -28.81 -1.88
C SER A 480 -17.53 -29.79 -1.57
N ALA A 481 -17.64 -30.24 -0.32
CA ALA A 481 -18.68 -31.19 0.01
C ALA A 481 -20.04 -30.61 -0.40
N GLU A 482 -20.13 -30.05 -1.59
CA GLU A 482 -21.23 -29.18 -1.97
C GLU A 482 -21.15 -28.88 -3.47
N SER A 507 -50.03 -33.96 16.06
CA SER A 507 -50.11 -34.94 14.98
C SER A 507 -50.13 -34.20 13.63
N GLU A 508 -51.21 -34.36 12.85
CA GLU A 508 -51.40 -33.63 11.57
C GLU A 508 -52.28 -32.40 11.82
N GLN A 509 -52.21 -31.90 13.06
CA GLN A 509 -52.98 -30.75 13.53
C GLN A 509 -52.24 -29.45 13.16
N ALA A 510 -50.98 -29.57 12.77
CA ALA A 510 -50.16 -28.41 12.37
C ALA A 510 -50.49 -28.00 10.93
N GLU A 511 -50.38 -28.96 10.01
CA GLU A 511 -50.56 -28.76 8.56
C GLU A 511 -51.23 -27.42 8.22
N ASP A 512 -52.38 -27.12 8.82
CA ASP A 512 -53.03 -25.80 8.60
C ASP A 512 -52.06 -24.68 8.98
N LEU A 513 -51.49 -24.76 10.18
CA LEU A 513 -50.46 -23.81 10.64
C LEU A 513 -49.32 -23.75 9.63
N LEU A 514 -48.79 -24.93 9.32
CA LEU A 514 -47.76 -25.11 8.31
C LEU A 514 -48.16 -24.34 7.04
N ALA A 515 -49.35 -24.65 6.52
CA ALA A 515 -49.87 -24.04 5.29
C ALA A 515 -50.19 -22.55 5.48
N TRP A 516 -50.48 -22.14 6.72
CA TRP A 516 -50.82 -20.75 7.05
C TRP A 516 -49.56 -19.87 7.08
N MET A 517 -48.50 -20.40 7.67
CA MET A 517 -47.23 -19.68 7.81
C MET A 517 -46.63 -19.41 6.43
N ARG A 518 -46.81 -20.36 5.51
CA ARG A 518 -46.30 -20.24 4.14
C ARG A 518 -47.05 -19.09 3.42
N ASN A 519 -48.24 -18.75 3.91
CA ASN A 519 -49.05 -17.68 3.36
C ASN A 519 -48.65 -16.33 3.99
N ALA A 520 -48.08 -16.36 5.19
CA ALA A 520 -47.60 -15.14 5.86
C ALA A 520 -46.18 -14.81 5.42
N LEU A 521 -45.31 -15.82 5.41
CA LEU A 521 -43.90 -15.59 5.07
C LEU A 521 -43.68 -15.81 3.57
N VAL A 522 -44.62 -15.37 2.74
CA VAL A 522 -44.50 -15.57 1.30
C VAL A 522 -43.24 -14.83 0.82
N GLN A 523 -42.44 -15.50 -0.02
CA GLN A 523 -41.20 -14.96 -0.60
C GLN A 523 -40.31 -14.27 0.45
N ARG A 524 -40.04 -15.01 1.52
CA ARG A 524 -39.12 -14.69 2.61
C ARG A 524 -38.29 -15.95 2.88
N VAL A 525 -38.97 -17.10 2.77
CA VAL A 525 -38.42 -18.45 2.90
C VAL A 525 -38.74 -19.22 1.61
N THR A 526 -38.04 -20.33 1.31
CA THR A 526 -38.29 -21.10 0.08
C THR A 526 -38.97 -22.42 0.43
N ASN A 527 -39.30 -22.61 1.70
CA ASN A 527 -39.96 -23.81 2.21
C ASN A 527 -40.11 -23.71 3.73
N ILE A 528 -41.05 -24.51 4.25
CA ILE A 528 -41.31 -24.62 5.68
C ILE A 528 -41.68 -26.10 5.97
N LYS A 529 -41.14 -26.66 7.06
CA LYS A 529 -41.36 -28.07 7.39
C LYS A 529 -41.42 -28.25 8.91
N VAL A 530 -41.62 -29.49 9.35
CA VAL A 530 -41.63 -29.83 10.79
C VAL A 530 -40.29 -30.50 11.15
N THR A 531 -39.98 -30.54 12.45
CA THR A 531 -38.71 -31.11 12.91
C THR A 531 -38.84 -31.60 14.36
N PRO A 532 -38.24 -32.77 14.66
CA PRO A 532 -38.15 -33.34 16.02
C PRO A 532 -36.85 -32.97 16.75
N LEU A 534 -36.36 -30.72 18.32
CA LEU A 534 -35.60 -29.48 18.36
C LEU A 534 -35.56 -28.91 19.79
N ASP A 535 -36.50 -29.35 20.61
CA ASP A 535 -36.46 -29.15 22.06
C ASP A 535 -36.75 -27.67 22.39
N THR A 536 -35.72 -26.89 22.68
CA THR A 536 -35.86 -25.57 23.30
C THR A 536 -36.25 -24.51 22.26
N HIS A 537 -36.10 -24.80 20.98
CA HIS A 537 -36.28 -23.78 19.94
C HIS A 537 -37.58 -24.03 19.15
N PRO A 538 -38.49 -23.03 19.14
CA PRO A 538 -39.75 -23.06 18.39
C PRO A 538 -39.52 -23.32 16.89
N ALA A 539 -38.41 -22.80 16.37
CA ALA A 539 -38.05 -23.03 14.99
C ALA A 539 -36.54 -22.87 14.80
N MET A 540 -36.07 -23.21 13.61
CA MET A 540 -34.65 -23.11 13.28
C MET A 540 -34.55 -22.81 11.78
N ILE A 541 -33.47 -22.14 11.40
CA ILE A 541 -33.23 -21.82 10.01
C ILE A 541 -32.04 -22.63 9.50
N THR A 542 -32.25 -23.32 8.38
CA THR A 542 -31.22 -24.09 7.70
C THR A 542 -31.09 -23.59 6.27
N VAL A 543 -29.91 -23.72 5.69
CA VAL A 543 -29.70 -23.28 4.32
C VAL A 543 -28.92 -24.36 3.58
N LEU A 544 -29.25 -24.50 2.29
CA LEU A 544 -28.80 -25.60 1.44
C LEU A 544 -27.44 -25.25 0.86
N GLU A 545 -27.43 -24.31 -0.09
CA GLU A 545 -26.21 -23.86 -0.73
C GLU A 545 -25.54 -22.82 0.20
N MET A 546 -24.28 -23.10 0.55
CA MET A 546 -23.48 -22.19 1.38
C MET A 546 -23.08 -20.95 0.58
N GLY A 547 -23.00 -21.08 -0.74
CA GLY A 547 -22.77 -19.93 -1.61
C GLY A 547 -23.87 -18.89 -1.47
N ALA A 548 -25.09 -19.35 -1.26
CA ALA A 548 -26.27 -18.48 -1.16
C ALA A 548 -26.30 -17.76 0.20
N ALA A 549 -25.59 -18.28 1.20
CA ALA A 549 -25.53 -17.65 2.52
C ALA A 549 -24.48 -16.52 2.52
N ARG A 550 -23.30 -16.80 1.95
CA ARG A 550 -22.28 -15.75 1.76
C ARG A 550 -22.90 -14.60 0.96
N HIS A 551 -23.37 -14.92 -0.25
CA HIS A 551 -24.00 -13.95 -1.15
C HIS A 551 -25.37 -13.56 -0.57
N PHE A 552 -25.32 -12.72 0.46
CA PHE A 552 -26.49 -12.35 1.27
C PHE A 552 -26.04 -11.55 2.50
N LEU A 553 -24.95 -11.99 3.10
CA LEU A 553 -24.35 -11.29 4.23
C LEU A 553 -23.54 -10.09 3.71
N ARG A 554 -23.15 -10.17 2.44
CA ARG A 554 -22.50 -9.08 1.72
C ARG A 554 -23.53 -8.04 1.26
N THR A 555 -24.82 -8.27 1.58
CA THR A 555 -25.91 -7.34 1.26
C THR A 555 -26.31 -6.59 2.54
N GLN A 556 -26.05 -5.28 2.59
CA GLN A 556 -26.19 -4.49 3.80
C GLN A 556 -27.17 -3.33 3.56
N ALA A 566 -37.62 -10.22 -1.64
CA ALA A 566 -36.57 -10.12 -0.62
C ALA A 566 -35.24 -10.62 -1.20
N GLN A 567 -34.19 -10.51 -0.38
CA GLN A 567 -32.90 -11.16 -0.66
C GLN A 567 -33.13 -12.68 -0.75
N ILE A 568 -32.74 -13.29 -1.86
CA ILE A 568 -33.07 -14.71 -2.07
C ILE A 568 -31.84 -15.56 -1.73
N LEU A 569 -32.08 -16.57 -0.90
CA LEU A 569 -31.07 -17.58 -0.55
C LEU A 569 -31.74 -18.96 -0.36
N GLN A 570 -33.02 -19.06 -0.72
CA GLN A 570 -33.85 -20.24 -0.45
C GLN A 570 -33.63 -20.75 0.99
N PRO A 571 -34.01 -19.92 2.00
CA PRO A 571 -33.92 -20.39 3.38
C PRO A 571 -35.09 -21.33 3.75
N THR A 572 -34.79 -22.35 4.54
CA THR A 572 -35.78 -23.32 4.98
C THR A 572 -35.98 -23.19 6.50
N LEU A 573 -37.24 -23.08 6.91
CA LEU A 573 -37.59 -22.91 8.33
C LEU A 573 -38.20 -24.21 8.85
N GLU A 574 -37.59 -24.80 9.88
CA GLU A 574 -38.06 -26.05 10.48
C GLU A 574 -38.65 -25.75 11.86
N ILE A 575 -39.83 -26.31 12.13
CA ILE A 575 -40.66 -25.91 13.27
C ILE A 575 -40.77 -27.08 14.24
N ASN A 576 -40.74 -26.75 15.53
CA ASN A 576 -40.90 -27.72 16.60
C ASN A 576 -42.33 -27.62 17.15
N THR A 577 -43.15 -28.62 16.82
CA THR A 577 -44.55 -28.65 17.27
C THR A 577 -44.62 -29.07 18.75
N GLY A 578 -43.49 -29.40 19.35
CA GLY A 578 -43.41 -29.61 20.79
C GLY A 578 -43.16 -28.33 21.56
N HIS A 579 -43.05 -27.18 20.88
CA HIS A 579 -42.82 -25.91 21.57
C HIS A 579 -44.14 -25.22 21.88
N ASP A 580 -44.19 -24.55 23.04
CA ASP A 580 -45.40 -23.94 23.55
C ASP A 580 -45.68 -22.62 22.84
N LEU A 581 -44.76 -22.20 21.97
CA LEU A 581 -44.94 -21.00 21.17
C LEU A 581 -45.63 -21.36 19.85
N ILE A 582 -45.16 -22.44 19.24
CA ILE A 582 -45.75 -22.96 18.01
C ILE A 582 -47.18 -23.44 18.32
N LYS A 583 -47.33 -24.08 19.47
CA LYS A 583 -48.65 -24.51 19.96
C LYS A 583 -49.58 -23.29 20.04
N LYS A 584 -49.06 -22.20 20.62
CA LYS A 584 -49.82 -20.96 20.73
C LYS A 584 -50.10 -20.40 19.33
N LEU A 585 -49.06 -20.31 18.52
CA LEU A 585 -49.20 -19.78 17.17
C LEU A 585 -50.37 -20.46 16.46
N HIS A 586 -50.42 -21.78 16.51
CA HIS A 586 -51.48 -22.54 15.85
C HIS A 586 -52.85 -22.02 16.30
N ALA A 587 -53.04 -21.92 17.61
CA ALA A 587 -54.32 -21.45 18.16
C ALA A 587 -54.54 -19.99 17.75
N LEU A 588 -53.63 -19.09 18.14
CA LEU A 588 -53.84 -17.66 17.89
C LEU A 588 -54.03 -17.39 16.39
N LYS A 589 -53.80 -18.38 15.54
CA LYS A 589 -53.98 -18.24 14.10
C LYS A 589 -55.39 -17.69 13.79
N ASP A 590 -56.42 -18.45 14.18
CA ASP A 590 -57.81 -18.06 13.97
C ASP A 590 -58.29 -17.20 15.14
N SER A 591 -57.75 -17.46 16.34
CA SER A 591 -58.17 -16.76 17.55
C SER A 591 -57.70 -15.31 17.55
N ASN A 592 -56.53 -15.02 16.97
CA ASN A 592 -55.91 -13.68 17.07
C ASN A 592 -54.93 -13.48 15.90
N PRO A 593 -55.44 -13.38 14.66
CA PRO A 593 -54.65 -13.23 13.42
C PRO A 593 -53.56 -12.14 13.49
N GLU A 594 -53.89 -11.01 14.11
CA GLU A 594 -52.99 -9.85 14.12
C GLU A 594 -51.90 -10.07 15.17
N LEU A 595 -52.22 -10.77 16.26
CA LEU A 595 -51.19 -11.15 17.25
C LEU A 595 -50.37 -12.33 16.72
N ALA A 596 -51.04 -13.26 16.04
CA ALA A 596 -50.36 -14.41 15.44
C ALA A 596 -49.33 -13.94 14.41
N GLN A 597 -49.67 -12.92 13.62
CA GLN A 597 -48.75 -12.37 12.61
C GLN A 597 -47.47 -11.87 13.29
N LEU A 598 -47.63 -11.05 14.32
CA LEU A 598 -46.49 -10.47 15.04
C LEU A 598 -45.59 -11.60 15.55
N LEU A 599 -46.20 -12.57 16.24
CA LEU A 599 -45.48 -13.69 16.87
C LEU A 599 -44.83 -14.58 15.80
N LEU A 600 -45.42 -14.69 14.61
CA LEU A 600 -44.79 -15.46 13.55
C LEU A 600 -43.49 -14.78 13.12
N GLU A 601 -43.55 -13.48 12.87
CA GLU A 601 -42.38 -12.74 12.39
C GLU A 601 -41.27 -12.79 13.44
N GLN A 602 -41.64 -12.84 14.71
CA GLN A 602 -40.65 -12.87 15.79
C GLN A 602 -39.92 -14.21 15.77
N ILE A 603 -40.69 -15.29 15.78
CA ILE A 603 -40.16 -16.65 15.76
C ILE A 603 -39.21 -16.81 14.56
N TYR A 604 -39.63 -16.30 13.40
CA TYR A 604 -38.81 -16.34 12.19
C TYR A 604 -37.54 -15.51 12.39
N ASP A 605 -37.70 -14.29 12.89
CA ASP A 605 -36.56 -13.41 13.11
C ASP A 605 -35.61 -14.10 14.11
N ASN A 606 -36.15 -14.55 15.23
CA ASN A 606 -35.37 -15.21 16.29
C ASN A 606 -34.53 -16.35 15.70
N ALA A 607 -35.16 -17.20 14.90
CA ALA A 607 -34.45 -18.33 14.29
C ALA A 607 -33.33 -17.84 13.37
N MET A 608 -33.59 -16.76 12.61
CA MET A 608 -32.56 -16.18 11.73
C MET A 608 -31.38 -15.69 12.56
N ILE A 609 -31.66 -14.99 13.66
CA ILE A 609 -30.62 -14.49 14.53
C ILE A 609 -29.77 -15.68 15.03
N ALA A 610 -30.44 -16.71 15.53
CA ALA A 610 -29.77 -17.84 16.17
C ALA A 610 -28.93 -18.62 15.14
N ALA A 611 -29.27 -18.48 13.86
CA ALA A 611 -28.53 -19.11 12.77
C ALA A 611 -27.37 -18.23 12.30
N GLY A 612 -27.22 -17.05 12.89
CA GLY A 612 -26.15 -16.12 12.53
C GLY A 612 -26.42 -15.42 11.21
N LEU A 613 -27.68 -15.46 10.77
CA LEU A 613 -28.08 -14.86 9.50
C LEU A 613 -28.79 -13.52 9.74
N ASN A 614 -28.72 -13.03 10.96
CA ASN A 614 -29.23 -11.72 11.29
C ASN A 614 -28.38 -11.17 12.45
N GLU A 615 -27.28 -10.53 12.08
CA GLU A 615 -26.25 -10.15 13.04
C GLU A 615 -26.70 -8.88 13.77
N ASP A 616 -27.45 -8.03 13.08
CA ASP A 616 -27.88 -6.74 13.61
C ASP A 616 -29.41 -6.67 13.59
N PRO A 617 -30.07 -6.96 14.74
CA PRO A 617 -31.53 -7.09 14.83
C PRO A 617 -32.32 -5.77 14.96
N ARG A 618 -31.67 -4.63 14.71
CA ARG A 618 -32.29 -3.31 14.87
C ARG A 618 -33.63 -3.23 14.13
N PRO A 619 -33.71 -3.79 12.91
CA PRO A 619 -34.96 -3.70 12.19
C PRO A 619 -36.20 -4.22 12.93
N MET A 620 -36.04 -5.18 13.85
CA MET A 620 -37.19 -5.89 14.41
C MET A 620 -37.68 -5.25 15.73
N ILE A 621 -36.93 -4.32 16.31
CA ILE A 621 -37.12 -3.94 17.71
C ILE A 621 -38.49 -3.28 17.90
N SER A 622 -38.86 -2.35 17.02
CA SER A 622 -40.16 -1.68 17.11
C SER A 622 -41.29 -2.73 17.13
N ARG A 623 -41.24 -3.69 16.21
CA ARG A 623 -42.29 -4.69 16.07
C ARG A 623 -42.32 -5.61 17.30
N LEU A 624 -41.15 -5.98 17.81
CA LEU A 624 -41.04 -6.82 19.01
C LEU A 624 -41.72 -6.11 20.19
N ASN A 625 -41.35 -4.85 20.42
CA ASN A 625 -41.98 -4.05 21.48
C ASN A 625 -43.51 -4.13 21.36
N GLN A 626 -44.05 -4.05 20.15
CA GLN A 626 -45.51 -4.10 19.91
C GLN A 626 -46.08 -5.47 20.27
N LEU A 627 -45.34 -6.53 19.96
CA LEU A 627 -45.76 -7.90 20.30
C LEU A 627 -45.86 -8.03 21.82
N LEU A 628 -44.87 -7.47 22.53
CA LEU A 628 -44.82 -7.58 23.98
C LEU A 628 -46.03 -6.88 24.61
N THR A 629 -46.41 -5.70 24.12
CA THR A 629 -47.55 -4.95 24.69
C THR A 629 -48.85 -5.70 24.41
N ARG A 630 -49.00 -6.16 23.17
CA ARG A 630 -50.16 -6.94 22.76
C ARG A 630 -50.25 -8.19 23.63
N ALA A 631 -49.12 -8.88 23.78
CA ALA A 631 -49.03 -10.14 24.53
C ALA A 631 -49.28 -9.91 26.03
N LEU A 632 -48.90 -8.73 26.54
CA LEU A 632 -49.06 -8.45 27.96
C LEU A 632 -50.37 -7.67 28.22
N GLU A 633 -51.20 -7.45 27.21
CA GLU A 633 -52.51 -6.77 27.40
C GLU A 633 -53.25 -7.36 28.60
N LYS A 634 -53.23 -8.69 28.69
CA LYS A 634 -53.91 -9.48 29.75
C LYS A 634 -53.52 -9.01 31.16
N HIS A 635 -52.22 -9.02 31.43
CA HIS A 635 -51.69 -8.84 32.78
C HIS A 635 -51.89 -7.39 33.23
N THR B 1 28.79 19.11 28.24
CA THR B 1 27.49 19.29 27.52
C THR B 1 27.66 18.99 26.03
N LEU B 2 28.67 19.61 25.39
CA LEU B 2 28.88 19.47 23.92
C LEU B 2 30.29 18.92 23.63
N HIS B 3 30.38 18.19 22.51
CA HIS B 3 31.66 17.69 21.96
C HIS B 3 31.69 17.93 20.45
N ASN B 4 32.42 18.94 20.00
CA ASN B 4 32.51 19.30 18.57
C ASN B 4 33.97 19.54 18.20
N ILE B 5 34.42 18.90 17.12
CA ILE B 5 35.82 18.90 16.74
C ILE B 5 36.07 19.97 15.66
N ILE B 6 35.01 20.38 14.97
CA ILE B 6 35.14 21.25 13.79
C ILE B 6 35.44 22.68 14.25
N THR B 7 36.56 23.20 13.76
CA THR B 7 36.94 24.59 14.02
C THR B 7 37.58 25.17 12.74
N ASP B 8 37.37 26.47 12.56
CA ASP B 8 37.83 27.21 11.37
C ASP B 8 39.32 27.56 11.57
N THR B 9 40.20 26.58 11.36
CA THR B 9 41.61 26.73 11.71
C THR B 9 42.53 26.43 10.52
N GLU B 10 41.99 26.11 9.36
CA GLU B 10 42.82 25.69 8.22
C GLU B 10 43.19 26.91 7.37
N ASN B 11 44.46 27.02 7.02
CA ASN B 11 44.97 28.13 6.25
C ASN B 11 45.86 27.57 5.13
N VAL B 12 45.72 28.14 3.93
CA VAL B 12 46.47 27.68 2.77
C VAL B 12 47.90 28.22 2.85
N GLN B 13 48.87 27.32 2.81
CA GLN B 13 50.28 27.68 2.79
C GLN B 13 50.81 27.58 1.35
N GLY B 14 51.32 28.70 0.83
CA GLY B 14 51.97 28.73 -0.47
C GLY B 14 50.98 28.61 -1.62
N SER B 15 51.51 28.26 -2.79
CA SER B 15 50.74 28.21 -4.03
C SER B 15 49.92 26.92 -4.10
N PHE B 16 49.28 26.72 -5.25
CA PHE B 16 48.44 25.56 -5.52
C PHE B 16 48.80 24.98 -6.89
N SER B 17 48.17 23.87 -7.24
CA SER B 17 48.27 23.34 -8.59
C SER B 17 46.86 23.08 -9.13
N LYS B 18 46.65 23.37 -10.41
CA LYS B 18 45.36 23.13 -11.05
C LYS B 18 45.36 21.72 -11.64
N HIS B 19 44.19 21.10 -11.62
CA HIS B 19 44.03 19.73 -12.08
C HIS B 19 42.72 19.62 -12.87
N GLU B 20 42.65 18.60 -13.72
CA GLU B 20 41.41 18.26 -14.40
C GLU B 20 40.89 16.95 -13.82
N PHE B 21 39.57 16.82 -13.77
CA PHE B 21 38.95 15.58 -13.38
C PHE B 21 39.24 14.53 -14.46
N GLN B 22 39.37 13.29 -14.03
CA GLN B 22 39.64 12.16 -14.90
C GLN B 22 38.54 11.11 -14.67
N ALA B 23 38.63 9.99 -15.37
CA ALA B 23 37.63 8.93 -15.28
C ALA B 23 38.31 7.57 -15.45
N GLU B 24 37.87 6.58 -14.68
CA GLU B 24 38.35 5.22 -14.84
C GLU B 24 37.47 4.53 -15.89
N THR B 25 37.86 4.70 -17.14
CA THR B 25 37.02 4.37 -18.28
C THR B 25 36.55 2.91 -18.20
N LYS B 26 37.49 1.99 -18.03
CA LYS B 26 37.13 0.57 -18.01
C LYS B 26 36.16 0.29 -16.87
N LYS B 27 36.34 0.95 -15.72
CA LYS B 27 35.47 0.69 -14.58
C LYS B 27 34.10 1.35 -14.79
N LEU B 28 34.03 2.46 -15.52
CA LEU B 28 32.72 3.08 -15.85
C LEU B 28 31.92 2.17 -16.78
N LEU B 29 32.61 1.54 -17.72
CA LEU B 29 31.98 0.58 -18.64
C LEU B 29 31.49 -0.62 -17.84
N ASP B 30 32.26 -1.00 -16.83
CA ASP B 30 31.90 -2.09 -15.95
C ASP B 30 30.59 -1.71 -15.22
N ILE B 31 30.59 -0.52 -14.64
CA ILE B 31 29.42 -0.01 -13.93
C ILE B 31 28.18 -0.07 -14.82
N VAL B 32 28.28 0.38 -16.07
CA VAL B 32 27.10 0.41 -16.95
C VAL B 32 26.65 -1.03 -17.24
N ALA B 33 27.60 -1.92 -17.49
CA ALA B 33 27.28 -3.31 -17.81
C ALA B 33 26.65 -4.02 -16.60
N ARG B 34 27.09 -3.72 -15.39
CA ARG B 34 26.79 -4.58 -14.25
C ARG B 34 25.95 -3.87 -13.17
N SER B 35 26.04 -2.55 -13.04
CA SER B 35 25.52 -1.91 -11.81
C SER B 35 24.56 -0.73 -12.09
N LEU B 36 24.29 -0.38 -13.35
CA LEU B 36 23.54 0.87 -13.60
C LEU B 36 22.04 0.61 -13.68
N TYR B 37 21.63 -0.41 -14.43
CA TYR B 37 20.20 -0.72 -14.57
C TYR B 37 19.86 -1.95 -13.71
N SER B 38 18.79 -1.83 -12.94
CA SER B 38 18.40 -2.87 -11.98
C SER B 38 17.85 -4.10 -12.71
N GLU B 39 17.44 -3.93 -13.96
CA GLU B 39 16.91 -5.03 -14.77
C GLU B 39 17.63 -5.07 -16.12
N LYS B 40 17.97 -6.28 -16.55
CA LYS B 40 18.74 -6.47 -17.77
C LYS B 40 17.91 -6.03 -18.98
N GLU B 41 16.62 -6.30 -18.92
CA GLU B 41 15.71 -6.24 -20.05
C GLU B 41 15.69 -4.85 -20.70
N VAL B 42 16.04 -3.79 -19.97
CA VAL B 42 15.87 -2.44 -20.50
C VAL B 42 16.93 -2.12 -21.55
N PHE B 43 17.81 -3.06 -21.92
CA PHE B 43 18.73 -2.79 -23.04
C PHE B 43 17.92 -2.63 -24.33
N ILE B 44 16.78 -3.31 -24.39
CA ILE B 44 15.87 -3.25 -25.52
C ILE B 44 15.24 -1.85 -25.58
N ARG B 45 14.80 -1.35 -24.44
CA ARG B 45 14.24 0.00 -24.38
C ARG B 45 15.27 1.00 -24.88
N GLU B 46 16.51 0.90 -24.39
CA GLU B 46 17.58 1.87 -24.71
C GLU B 46 17.92 1.85 -26.21
N LEU B 47 17.92 0.68 -26.81
CA LEU B 47 18.31 0.58 -28.21
C LEU B 47 17.17 1.11 -29.09
N ILE B 48 15.94 0.90 -28.64
CA ILE B 48 14.76 1.32 -29.40
C ILE B 48 14.64 2.85 -29.33
N SER B 49 14.89 3.41 -28.16
CA SER B 49 14.89 4.86 -27.99
C SER B 49 15.99 5.49 -28.85
N ASN B 50 17.15 4.85 -28.89
CA ASN B 50 18.26 5.33 -29.70
C ASN B 50 17.88 5.32 -31.18
N GLY B 51 17.16 4.27 -31.60
CA GLY B 51 16.72 4.13 -32.99
C GLY B 51 15.61 5.10 -33.32
N SER B 52 14.70 5.31 -32.37
CA SER B 52 13.65 6.32 -32.48
C SER B 52 14.29 7.72 -32.66
N ASP B 53 15.40 7.97 -31.96
CA ASP B 53 16.08 9.27 -32.04
C ASP B 53 16.65 9.48 -33.44
N ALA B 54 17.22 8.42 -34.01
CA ALA B 54 17.88 8.48 -35.32
C ALA B 54 16.86 8.72 -36.43
N LEU B 55 15.61 8.34 -36.17
CA LEU B 55 14.53 8.51 -37.13
C LEU B 55 13.96 9.93 -37.04
N GLU B 56 13.82 10.46 -35.82
CA GLU B 56 13.34 11.83 -35.64
C GLU B 56 14.37 12.80 -36.24
N LYS B 57 15.65 12.46 -36.13
CA LYS B 57 16.71 13.29 -36.68
C LYS B 57 16.63 13.31 -38.21
N LEU B 58 16.26 12.18 -38.81
CA LEU B 58 16.13 12.05 -40.27
C LEU B 58 14.89 12.81 -40.74
N ARG B 59 13.78 12.59 -40.04
CA ARG B 59 12.52 13.27 -40.36
C ARG B 59 12.75 14.77 -40.36
N HIS B 60 13.41 15.26 -39.31
CA HIS B 60 13.70 16.68 -39.16
C HIS B 60 14.51 17.18 -40.36
N ARG B 61 15.55 16.44 -40.74
CA ARG B 61 16.42 16.87 -41.84
C ARG B 61 15.75 16.54 -43.19
N MET B 62 14.67 15.75 -43.15
CA MET B 62 13.90 15.39 -44.35
C MET B 62 12.88 16.48 -44.66
N ILE B 63 13.04 17.65 -44.06
CA ILE B 63 12.40 18.85 -44.55
C ILE B 63 13.50 19.64 -45.29
N THR B 64 14.12 18.96 -46.26
CA THR B 64 15.42 19.35 -46.85
C THR B 64 15.63 20.87 -46.74
N THR B 69 10.01 11.06 -47.69
CA THR B 69 10.78 10.34 -48.71
C THR B 69 10.94 8.87 -48.28
N ALA B 70 12.03 8.56 -47.58
CA ALA B 70 12.43 7.18 -47.30
C ALA B 70 11.56 6.57 -46.19
N PRO B 71 11.53 5.23 -46.09
CA PRO B 71 10.79 4.53 -45.02
C PRO B 71 11.41 4.79 -43.65
N MET B 72 10.61 4.65 -42.58
CA MET B 72 11.04 5.06 -41.23
C MET B 72 10.54 4.05 -40.19
N GLU B 73 11.29 2.99 -39.99
CA GLU B 73 10.83 1.90 -39.15
C GLU B 73 11.99 1.37 -38.31
N ILE B 74 11.62 0.55 -37.33
CA ILE B 74 12.56 -0.11 -36.43
C ILE B 74 12.34 -1.61 -36.56
N HIS B 75 13.40 -2.35 -36.85
CA HIS B 75 13.29 -3.79 -37.02
C HIS B 75 14.06 -4.52 -35.91
N LEU B 76 13.35 -5.42 -35.22
CA LEU B 76 13.94 -6.35 -34.28
C LEU B 76 13.92 -7.76 -34.88
N GLN B 77 15.01 -8.49 -34.70
CA GLN B 77 15.07 -9.88 -35.08
C GLN B 77 15.84 -10.69 -34.04
N THR B 78 15.31 -11.88 -33.73
CA THR B 78 15.80 -12.75 -32.65
C THR B 78 16.24 -14.09 -33.22
N ASP B 79 17.54 -14.34 -33.31
CA ASP B 79 18.04 -15.63 -33.80
C ASP B 79 18.31 -16.56 -32.60
N SER B 80 17.36 -17.44 -32.36
CA SER B 80 17.42 -18.41 -31.26
C SER B 80 18.62 -19.35 -31.45
N VAL B 81 18.87 -19.79 -32.68
CA VAL B 81 19.96 -20.73 -32.95
C VAL B 81 21.30 -20.08 -32.62
N LYS B 82 21.58 -18.94 -33.25
CA LYS B 82 22.88 -18.26 -33.12
C LYS B 82 22.97 -17.48 -31.81
N GLY B 83 21.90 -17.38 -31.04
CA GLY B 83 21.91 -16.61 -29.78
C GLY B 83 22.15 -15.14 -30.04
N THR B 84 21.25 -14.53 -30.80
CA THR B 84 21.49 -13.22 -31.38
C THR B 84 20.23 -12.37 -31.22
N PHE B 85 20.46 -11.10 -30.90
CA PHE B 85 19.42 -10.07 -30.90
C PHE B 85 19.88 -8.94 -31.82
N THR B 86 19.01 -8.52 -32.72
CA THR B 86 19.35 -7.50 -33.72
C THR B 86 18.27 -6.42 -33.75
N ILE B 87 18.72 -5.18 -33.91
CA ILE B 87 17.84 -4.02 -34.09
C ILE B 87 18.40 -3.19 -35.24
N GLN B 88 17.54 -2.89 -36.22
CA GLN B 88 17.92 -2.03 -37.33
C GLN B 88 16.90 -0.89 -37.46
N ASP B 89 17.41 0.32 -37.61
CA ASP B 89 16.59 1.48 -37.84
C ASP B 89 17.04 2.13 -39.16
N THR B 90 16.12 2.80 -39.83
CA THR B 90 16.39 3.40 -41.13
C THR B 90 16.69 4.90 -40.99
N GLY B 91 17.28 5.31 -39.86
CA GLY B 91 17.45 6.74 -39.52
C GLY B 91 18.73 7.34 -40.07
N VAL B 92 19.16 8.45 -39.47
CA VAL B 92 20.25 9.28 -40.03
C VAL B 92 21.59 8.54 -39.98
N GLY B 93 21.64 7.35 -39.37
CA GLY B 93 22.89 6.61 -39.27
C GLY B 93 23.99 7.49 -38.73
N MET B 94 25.24 7.05 -38.87
CA MET B 94 26.38 7.86 -38.41
C MET B 94 27.63 7.47 -39.20
N ASN B 95 28.44 8.49 -39.50
CA ASN B 95 29.68 8.31 -40.25
C ASN B 95 30.77 7.82 -39.28
N LYS B 96 32.02 7.88 -39.69
CA LYS B 96 33.11 7.27 -38.93
C LYS B 96 33.40 8.09 -37.66
N GLU B 97 33.57 9.40 -37.82
CA GLU B 97 33.86 10.27 -36.68
C GLU B 97 32.64 10.28 -35.73
N ASP B 98 31.45 10.03 -36.27
CA ASP B 98 30.25 9.90 -35.43
C ASP B 98 30.29 8.58 -34.66
N LEU B 99 30.66 7.49 -35.34
CA LEU B 99 30.78 6.20 -34.64
C LEU B 99 31.80 6.33 -33.52
N VAL B 100 32.99 6.80 -33.89
CA VAL B 100 34.10 6.89 -32.97
C VAL B 100 33.70 7.78 -31.78
N SER B 101 33.14 8.94 -32.06
CA SER B 101 32.90 9.95 -31.03
C SER B 101 31.73 9.54 -30.12
N ASN B 102 30.62 9.10 -30.72
CA ASN B 102 29.37 8.93 -29.97
C ASN B 102 29.32 7.56 -29.28
N LEU B 103 29.75 6.52 -29.99
CA LEU B 103 29.72 5.17 -29.44
C LEU B 103 30.98 4.94 -28.59
N GLY B 104 32.08 5.59 -28.95
CA GLY B 104 33.35 5.37 -28.27
C GLY B 104 33.48 6.14 -26.96
N THR B 105 32.62 7.12 -26.70
CA THR B 105 32.79 7.99 -25.54
C THR B 105 31.59 7.90 -24.60
N ILE B 106 31.85 7.49 -23.37
CA ILE B 106 30.81 7.34 -22.35
C ILE B 106 30.36 8.74 -21.92
N ALA B 107 29.04 8.90 -21.78
CA ALA B 107 28.41 10.17 -21.38
C ALA B 107 28.45 11.18 -22.53
N ARG B 108 28.66 10.70 -23.76
CA ARG B 108 28.55 11.55 -24.94
C ARG B 108 27.27 11.19 -25.68
N SER B 109 26.44 12.20 -25.94
CA SER B 109 25.12 12.04 -26.52
C SER B 109 24.99 12.96 -27.73
N GLY B 110 25.05 12.38 -28.93
CA GLY B 110 24.70 13.13 -30.13
C GLY B 110 23.31 13.74 -30.01
N SER B 111 22.36 12.89 -29.61
CA SER B 111 20.98 13.30 -29.34
C SER B 111 20.91 14.21 -28.10
N LYS B 112 21.54 15.37 -28.21
CA LYS B 112 21.64 16.35 -27.11
C LYS B 112 22.32 17.60 -27.66
N ALA B 113 23.50 17.39 -28.24
CA ALA B 113 24.18 18.42 -29.01
C ALA B 113 23.36 18.77 -30.25
N PHE B 114 22.60 17.78 -30.72
CA PHE B 114 21.67 17.93 -31.84
C PHE B 114 20.63 19.02 -31.54
N LEU B 115 20.26 19.21 -30.28
CA LEU B 115 19.13 20.08 -29.95
C LEU B 115 19.47 21.55 -30.23
N ASP B 116 19.41 21.84 -31.53
CA ASP B 116 19.01 23.11 -32.10
C ASP B 116 17.56 23.34 -31.67
N ALA B 117 17.27 24.46 -31.02
CA ALA B 117 15.95 24.72 -30.43
C ALA B 117 14.93 25.05 -31.53
N LEU B 118 13.67 24.69 -31.28
CA LEU B 118 12.56 24.96 -32.20
C LEU B 118 12.26 26.47 -32.23
N SER B 125 12.62 17.32 -31.25
CA SER B 125 11.89 18.41 -30.59
C SER B 125 11.70 18.04 -29.11
N SER B 126 10.47 17.76 -28.71
CA SER B 126 10.16 17.12 -27.43
C SER B 126 10.08 15.60 -27.65
N SER B 127 10.49 15.16 -28.83
CA SER B 127 10.38 13.77 -29.26
C SER B 127 11.66 12.99 -28.92
N ILE B 128 12.81 13.66 -29.00
CA ILE B 128 14.12 13.06 -28.68
C ILE B 128 14.13 12.58 -27.22
N ILE B 129 14.67 11.39 -27.01
CA ILE B 129 14.68 10.74 -25.69
C ILE B 129 16.10 10.78 -25.10
N GLY B 130 17.10 10.52 -25.95
CA GLY B 130 18.49 10.47 -25.51
C GLY B 130 18.93 11.75 -24.83
N GLN B 131 19.94 11.64 -23.99
CA GLN B 131 20.25 12.64 -22.95
C GLN B 131 21.61 12.35 -22.29
N PHE B 132 21.74 11.15 -21.73
CA PHE B 132 22.81 10.80 -20.76
C PHE B 132 24.10 10.35 -21.43
N GLY B 133 24.00 9.66 -22.57
CA GLY B 133 25.18 9.24 -23.32
C GLY B 133 25.68 7.86 -22.92
N VAL B 134 24.81 6.99 -22.40
CA VAL B 134 25.26 5.71 -21.87
C VAL B 134 24.34 4.55 -22.27
N GLY B 135 23.17 4.81 -22.84
CA GLY B 135 22.18 3.76 -23.08
C GLY B 135 22.73 2.65 -23.96
N PHE B 136 23.55 3.02 -24.95
CA PHE B 136 24.04 2.07 -25.94
C PHE B 136 24.87 0.96 -25.25
N TYR B 137 25.67 1.36 -24.28
CA TYR B 137 26.59 0.43 -23.61
C TYR B 137 25.80 -0.53 -22.72
N SER B 138 24.50 -0.28 -22.51
CA SER B 138 23.60 -1.24 -21.84
C SER B 138 23.54 -2.56 -22.61
N ALA B 139 23.98 -2.57 -23.87
CA ALA B 139 24.04 -3.80 -24.65
C ALA B 139 25.02 -4.80 -24.03
N PHE B 140 26.01 -4.34 -23.28
CA PHE B 140 27.01 -5.22 -22.69
C PHE B 140 26.50 -5.85 -21.39
N MET B 141 25.32 -5.45 -20.91
CA MET B 141 24.65 -6.20 -19.85
C MET B 141 24.39 -7.63 -20.33
N VAL B 142 24.03 -7.78 -21.60
CA VAL B 142 23.47 -9.05 -22.09
C VAL B 142 24.32 -9.66 -23.21
N ALA B 143 25.45 -9.06 -23.59
CA ALA B 143 26.17 -9.48 -24.80
C ALA B 143 27.70 -9.48 -24.62
N ASP B 144 28.34 -10.54 -25.13
CA ASP B 144 29.81 -10.68 -25.13
C ASP B 144 30.44 -9.83 -26.25
N LYS B 145 29.69 -9.65 -27.32
CA LYS B 145 30.16 -8.98 -28.53
C LYS B 145 29.01 -8.16 -29.13
N VAL B 146 29.34 -6.95 -29.56
CA VAL B 146 28.38 -6.07 -30.20
C VAL B 146 28.97 -5.58 -31.51
N GLU B 147 28.20 -5.74 -32.57
CA GLU B 147 28.55 -5.26 -33.88
C GLU B 147 27.55 -4.18 -34.29
N VAL B 148 28.07 -3.14 -34.91
CA VAL B 148 27.24 -2.05 -35.40
C VAL B 148 27.58 -1.82 -36.88
N TYR B 149 26.53 -1.74 -37.70
CA TYR B 149 26.66 -1.39 -39.12
C TYR B 149 25.85 -0.11 -39.35
N SER B 150 26.51 0.93 -39.85
CA SER B 150 25.87 2.24 -39.92
C SER B 150 26.22 2.95 -41.24
N GLN B 151 25.17 3.43 -41.92
CA GLN B 151 25.32 4.22 -43.15
C GLN B 151 24.89 5.66 -42.87
N SER B 152 25.85 6.58 -42.95
CA SER B 152 25.67 8.00 -42.57
C SER B 152 24.50 8.63 -43.32
N ALA B 153 24.40 8.36 -44.61
CA ALA B 153 23.30 8.88 -45.40
C ALA B 153 23.37 10.42 -45.41
N GLU B 154 24.40 10.96 -46.03
CA GLU B 154 24.63 12.39 -45.94
C GLU B 154 25.49 12.82 -47.12
N ALA B 155 26.76 12.46 -47.05
CA ALA B 155 27.74 12.87 -48.04
C ALA B 155 27.95 11.73 -49.03
N ASP B 156 29.08 11.78 -49.74
CA ASP B 156 29.62 10.63 -50.41
C ASP B 156 30.31 9.75 -49.34
N ALA B 157 29.57 9.44 -48.27
CA ALA B 157 30.15 8.84 -47.06
C ALA B 157 30.01 7.31 -47.11
N PRO B 158 31.08 6.59 -46.74
CA PRO B 158 31.08 5.12 -46.73
C PRO B 158 30.21 4.54 -45.60
N GLY B 159 29.86 3.27 -45.76
CA GLY B 159 29.32 2.48 -44.66
C GLY B 159 30.44 2.10 -43.71
N TYR B 160 30.09 1.79 -42.46
CA TYR B 160 31.09 1.42 -41.48
C TYR B 160 30.58 0.28 -40.60
N LYS B 161 31.52 -0.51 -40.11
CA LYS B 161 31.27 -1.49 -39.07
C LYS B 161 32.10 -1.13 -37.85
N TRP B 162 31.40 -0.92 -36.75
CA TRP B 162 31.96 -0.71 -35.43
C TRP B 162 31.81 -2.01 -34.65
N SER B 163 32.83 -2.38 -33.87
CA SER B 163 32.85 -3.68 -33.20
C SER B 163 33.52 -3.57 -31.83
N SER B 164 33.00 -4.30 -30.86
CA SER B 164 33.60 -4.32 -29.51
C SER B 164 33.17 -5.58 -28.74
N ASP B 165 34.12 -6.11 -27.96
CA ASP B 165 33.88 -7.25 -27.09
C ASP B 165 33.61 -6.77 -25.66
N GLY B 166 33.64 -5.46 -25.44
CA GLY B 166 33.45 -4.87 -24.11
C GLY B 166 34.74 -4.85 -23.32
N SER B 167 35.86 -4.65 -24.02
CA SER B 167 37.20 -4.73 -23.43
C SER B 167 37.77 -3.34 -23.19
N GLY B 168 37.00 -2.28 -23.44
CA GLY B 168 37.56 -0.94 -23.46
C GLY B 168 38.24 -0.63 -24.78
N VAL B 169 38.16 -1.54 -25.76
CA VAL B 169 38.67 -1.31 -27.13
C VAL B 169 37.53 -1.53 -28.12
N PHE B 170 37.60 -0.83 -29.25
CA PHE B 170 36.69 -1.08 -30.34
C PHE B 170 37.40 -0.79 -31.67
N GLU B 171 37.10 -1.61 -32.67
CA GLU B 171 37.68 -1.47 -34.00
C GLU B 171 36.60 -0.99 -34.96
N VAL B 172 37.05 -0.26 -35.98
CA VAL B 172 36.19 0.34 -36.99
C VAL B 172 36.83 0.12 -38.36
N ALA B 173 36.04 -0.42 -39.29
CA ALA B 173 36.43 -0.55 -40.69
C ALA B 173 35.26 -0.07 -41.55
N GLU B 174 35.56 0.46 -42.73
CA GLU B 174 34.50 0.82 -43.66
C GLU B 174 34.00 -0.47 -44.33
N ALA B 175 32.70 -0.52 -44.60
CA ALA B 175 32.02 -1.76 -45.02
C ALA B 175 31.05 -1.47 -46.17
N SER B 176 30.66 -2.54 -46.85
CA SER B 176 29.79 -2.44 -48.03
C SER B 176 28.43 -3.09 -47.73
N GLY B 177 27.42 -2.73 -48.51
CA GLY B 177 26.07 -3.26 -48.35
C GLY B 177 25.44 -2.84 -47.04
N VAL B 178 25.82 -1.66 -46.53
CA VAL B 178 25.23 -1.12 -45.30
C VAL B 178 24.06 -0.22 -45.70
N ARG B 179 22.87 -0.61 -45.26
CA ARG B 179 21.63 0.08 -45.56
C ARG B 179 21.58 1.40 -44.79
N GLN B 180 20.95 2.38 -45.41
CA GLN B 180 20.54 3.60 -44.70
C GLN B 180 20.20 3.24 -43.25
N GLY B 181 20.90 3.87 -42.31
CA GLY B 181 20.56 3.72 -40.90
C GLY B 181 21.59 2.90 -40.15
N THR B 182 21.13 2.22 -39.12
CA THR B 182 22.01 1.53 -38.21
C THR B 182 21.42 0.15 -37.88
N LYS B 183 22.28 -0.86 -37.90
CA LYS B 183 21.95 -2.23 -37.49
C LYS B 183 22.88 -2.61 -36.33
N ILE B 184 22.32 -3.04 -35.21
CA ILE B 184 23.15 -3.43 -34.07
C ILE B 184 22.91 -4.91 -33.77
N VAL B 185 23.98 -5.69 -33.80
CA VAL B 185 23.90 -7.13 -33.53
C VAL B 185 24.48 -7.40 -32.15
N LEU B 186 23.68 -8.03 -31.27
CA LEU B 186 24.14 -8.50 -29.96
C LEU B 186 24.35 -10.02 -29.98
N HIS B 187 25.60 -10.43 -29.81
CA HIS B 187 25.90 -11.83 -29.54
C HIS B 187 25.71 -12.06 -28.03
N LEU B 188 24.55 -12.63 -27.70
CA LEU B 188 24.08 -12.70 -26.34
C LEU B 188 24.98 -13.65 -25.54
N LYS B 189 24.92 -13.49 -24.22
CA LYS B 189 25.59 -14.39 -23.28
C LYS B 189 24.70 -15.61 -23.00
N ASP B 190 25.32 -16.74 -22.69
CA ASP B 190 24.57 -17.94 -22.27
C ASP B 190 23.67 -17.55 -21.08
N ASP B 191 24.22 -16.67 -20.24
CA ASP B 191 23.52 -16.00 -19.15
C ASP B 191 22.12 -15.53 -19.60
N CYS B 192 22.03 -14.77 -20.69
CA CYS B 192 20.76 -14.15 -21.09
C CYS B 192 20.39 -14.51 -22.54
N LYS B 193 19.98 -15.75 -22.75
CA LYS B 193 19.52 -16.23 -24.06
C LYS B 193 18.01 -16.03 -24.19
N GLU B 194 17.33 -15.62 -23.12
CA GLU B 194 15.90 -15.31 -23.16
C GLU B 194 15.63 -14.16 -24.15
N PHE B 195 16.64 -13.34 -24.43
CA PHE B 195 16.49 -12.19 -25.32
C PHE B 195 16.75 -12.59 -26.78
N SER B 196 16.84 -13.89 -27.06
CA SER B 196 16.71 -14.40 -28.43
C SER B 196 15.37 -15.14 -28.57
N SER B 197 14.47 -14.95 -27.59
CA SER B 197 13.11 -15.48 -27.64
C SER B 197 12.18 -14.35 -28.08
N GLU B 198 11.36 -14.64 -29.08
CA GLU B 198 10.53 -13.61 -29.70
C GLU B 198 9.43 -13.18 -28.72
N ASP B 199 8.83 -14.13 -28.02
CA ASP B 199 7.78 -13.81 -27.04
C ASP B 199 8.35 -12.92 -25.94
N ARG B 200 9.58 -13.21 -25.53
CA ARG B 200 10.24 -12.50 -24.45
C ARG B 200 10.54 -11.05 -24.89
N VAL B 201 11.11 -10.89 -26.09
CA VAL B 201 11.49 -9.58 -26.60
C VAL B 201 10.23 -8.73 -26.82
N LYS B 202 9.12 -9.39 -27.20
CA LYS B 202 7.85 -8.71 -27.42
C LYS B 202 7.33 -8.12 -26.11
N GLU B 203 7.43 -8.91 -25.05
CA GLU B 203 7.03 -8.52 -23.70
C GLU B 203 7.67 -7.18 -23.31
N VAL B 204 8.94 -7.02 -23.68
CA VAL B 204 9.76 -5.87 -23.26
C VAL B 204 9.39 -4.63 -24.08
N VAL B 205 9.05 -4.82 -25.35
CA VAL B 205 8.68 -3.70 -26.21
C VAL B 205 7.33 -3.15 -25.76
N THR B 206 6.40 -4.07 -25.51
CA THR B 206 5.04 -3.75 -25.06
C THR B 206 5.10 -2.93 -23.76
N LYS B 207 6.08 -3.23 -22.93
CA LYS B 207 6.15 -2.71 -21.58
C LYS B 207 6.77 -1.30 -21.57
N TYR B 208 7.89 -1.11 -22.25
CA TYR B 208 8.60 0.18 -22.22
C TYR B 208 8.32 1.00 -23.49
N SER B 209 8.16 0.36 -24.65
CA SER B 209 8.24 1.11 -25.92
C SER B 209 6.95 1.01 -26.73
N ASN B 210 5.81 0.85 -26.07
CA ASN B 210 4.53 0.57 -26.71
C ASN B 210 3.99 1.84 -27.40
N PHE B 211 4.51 3.01 -27.03
CA PHE B 211 4.01 4.29 -27.53
C PHE B 211 5.04 4.98 -28.42
N VAL B 212 6.00 4.23 -28.92
CA VAL B 212 7.05 4.82 -29.74
C VAL B 212 6.41 5.33 -31.05
N SER B 213 6.93 6.47 -31.49
CA SER B 213 6.43 7.20 -32.64
C SER B 213 6.39 6.29 -33.87
N PHE B 214 7.54 5.69 -34.18
CA PHE B 214 7.74 4.97 -35.45
C PHE B 214 7.32 3.51 -35.30
N PRO B 215 6.97 2.86 -36.43
CA PRO B 215 6.58 1.46 -36.38
C PRO B 215 7.75 0.52 -36.04
N ILE B 216 7.44 -0.51 -35.25
CA ILE B 216 8.43 -1.50 -34.82
C ILE B 216 7.96 -2.88 -35.29
N PHE B 217 8.81 -3.52 -36.08
CA PHE B 217 8.57 -4.88 -36.53
C PHE B 217 9.46 -5.85 -35.73
N LEU B 218 8.86 -6.94 -35.26
CA LEU B 218 9.62 -8.00 -34.63
C LEU B 218 9.52 -9.26 -35.50
N ASN B 219 10.64 -9.60 -36.13
CA ASN B 219 10.77 -10.79 -36.96
C ASN B 219 9.82 -10.70 -38.16
N GLY B 220 9.56 -9.48 -38.62
CA GLY B 220 8.77 -9.25 -39.83
C GLY B 220 7.32 -8.92 -39.53
N ARG B 221 6.88 -9.11 -38.28
CA ARG B 221 5.50 -8.81 -37.90
C ARG B 221 5.47 -7.45 -37.19
N ARG B 222 4.61 -6.55 -37.66
CA ARG B 222 4.50 -5.22 -37.08
C ARG B 222 3.79 -5.32 -35.72
N LEU B 223 4.42 -4.79 -34.67
CA LEU B 223 3.84 -4.84 -33.33
C LEU B 223 2.75 -3.76 -33.21
N ASN B 224 1.80 -4.00 -32.30
CA ASN B 224 0.58 -3.19 -32.18
C ASN B 224 0.84 -1.97 -31.28
N THR B 225 1.81 -1.14 -31.64
CA THR B 225 2.13 0.05 -30.84
C THR B 225 0.90 0.97 -30.79
N LEU B 226 0.82 1.84 -29.78
CA LEU B 226 -0.40 2.62 -29.51
C LEU B 226 -0.12 4.12 -29.63
N GLN B 227 -1.20 4.89 -29.73
CA GLN B 227 -1.12 6.35 -29.57
C GLN B 227 -1.04 6.69 -28.07
N ALA B 228 -0.12 7.57 -27.74
CA ALA B 228 0.02 8.11 -26.38
C ALA B 228 -1.11 9.11 -26.13
N LEU B 229 -2.28 8.56 -25.78
CA LEU B 229 -3.55 9.28 -25.72
C LEU B 229 -3.50 10.50 -24.79
N TRP B 230 -2.75 10.37 -23.69
CA TRP B 230 -2.71 11.41 -22.63
C TRP B 230 -2.05 12.70 -23.16
N MET B 231 -1.25 12.60 -24.23
CA MET B 231 -0.52 13.75 -24.77
CA MET B 231 -0.53 13.76 -24.76
C MET B 231 -1.41 14.51 -25.78
N MET B 232 -2.61 14.01 -26.05
CA MET B 232 -3.39 14.58 -27.14
C MET B 232 -4.57 15.41 -26.62
N GLU B 233 -5.21 16.09 -27.57
CA GLU B 233 -6.31 17.02 -27.33
C GLU B 233 -7.52 16.25 -26.79
N PRO B 234 -7.93 16.52 -25.55
CA PRO B 234 -9.02 15.77 -24.89
C PRO B 234 -10.30 15.67 -25.72
N LYS B 235 -10.64 16.73 -26.44
CA LYS B 235 -11.89 16.81 -27.22
C LYS B 235 -11.80 15.96 -28.49
N ASP B 236 -10.63 15.46 -28.85
CA ASP B 236 -10.46 14.66 -30.08
C ASP B 236 -10.49 13.16 -29.75
N ILE B 237 -10.68 12.78 -28.49
CA ILE B 237 -10.66 11.37 -28.09
C ILE B 237 -12.11 10.89 -27.88
N SER B 238 -12.51 9.89 -28.66
CA SER B 238 -13.85 9.37 -28.55
C SER B 238 -13.98 8.50 -27.31
N GLU B 239 -15.22 8.36 -26.86
CA GLU B 239 -15.61 7.40 -25.84
C GLU B 239 -14.95 6.05 -26.12
N TRP B 240 -15.07 5.58 -27.36
CA TRP B 240 -14.59 4.25 -27.67
C TRP B 240 -13.06 4.19 -27.62
N GLN B 241 -12.39 5.29 -27.96
CA GLN B 241 -10.93 5.34 -27.86
C GLN B 241 -10.48 5.26 -26.39
N HIS B 242 -11.29 5.80 -25.49
CA HIS B 242 -10.97 5.78 -24.06
C HIS B 242 -11.20 4.38 -23.49
N GLU B 243 -12.24 3.71 -23.98
CA GLU B 243 -12.58 2.35 -23.56
C GLU B 243 -11.41 1.40 -23.82
N GLU B 244 -10.81 1.57 -24.99
CA GLU B 244 -9.72 0.73 -25.44
C GLU B 244 -8.48 1.03 -24.61
N PHE B 245 -8.17 2.31 -24.46
CA PHE B 245 -7.00 2.70 -23.74
C PHE B 245 -7.14 2.29 -22.26
N TYR B 246 -8.30 2.55 -21.69
CA TYR B 246 -8.58 2.07 -20.34
C TYR B 246 -8.25 0.57 -20.22
N ARG B 247 -8.77 -0.23 -21.14
CA ARG B 247 -8.55 -1.68 -21.07
C ARG B 247 -7.05 -1.97 -21.17
N TYR B 248 -6.31 -1.21 -21.97
CA TYR B 248 -4.89 -1.45 -22.08
C TYR B 248 -4.20 -1.13 -20.75
N VAL B 249 -4.39 0.09 -20.22
CA VAL B 249 -3.57 0.57 -19.08
C VAL B 249 -4.00 -0.11 -17.78
N ALA B 250 -5.29 -0.44 -17.63
CA ALA B 250 -5.76 -1.13 -16.43
C ALA B 250 -5.59 -2.65 -16.59
N GLN B 251 -5.40 -3.11 -17.84
CA GLN B 251 -5.41 -4.53 -18.17
C GLN B 251 -6.77 -5.13 -17.76
N ALA B 252 -7.82 -4.48 -18.25
CA ALA B 252 -9.18 -4.78 -17.84
C ALA B 252 -9.99 -5.23 -19.06
N TYR B 253 -11.19 -5.74 -18.78
CA TYR B 253 -12.09 -6.25 -19.79
C TYR B 253 -13.44 -5.52 -19.73
N ASP B 254 -13.60 -4.57 -18.83
CA ASP B 254 -14.82 -3.77 -18.75
C ASP B 254 -14.53 -2.43 -19.42
N LYS B 255 -15.27 -1.40 -19.05
CA LYS B 255 -15.02 -0.06 -19.60
C LYS B 255 -14.99 0.94 -18.44
N PRO B 256 -14.50 2.16 -18.71
CA PRO B 256 -14.53 3.19 -17.68
C PRO B 256 -15.96 3.70 -17.43
N ARG B 257 -16.23 4.07 -16.18
CA ARG B 257 -17.50 4.70 -15.83
C ARG B 257 -17.31 6.22 -15.81
N TYR B 258 -16.10 6.66 -15.45
CA TYR B 258 -15.72 8.05 -15.52
C TYR B 258 -14.35 8.15 -16.22
N THR B 259 -14.16 9.23 -16.97
CA THR B 259 -12.87 9.51 -17.57
C THR B 259 -12.50 10.97 -17.30
N LEU B 260 -11.29 11.16 -16.80
CA LEU B 260 -10.74 12.48 -16.55
C LEU B 260 -9.46 12.63 -17.38
N HIS B 261 -9.53 13.43 -18.42
CA HIS B 261 -8.35 13.79 -19.17
C HIS B 261 -7.91 15.16 -18.67
N TYR B 262 -6.79 15.18 -17.95
CA TYR B 262 -6.35 16.37 -17.25
C TYR B 262 -5.02 16.85 -17.81
N ARG B 263 -5.02 18.09 -18.28
CA ARG B 263 -3.83 18.76 -18.76
C ARG B 263 -3.60 20.03 -17.94
N ALA B 264 -2.32 20.31 -17.68
CA ALA B 264 -1.96 21.51 -16.98
C ALA B 264 -0.54 21.87 -17.36
N ASP B 265 -0.32 23.16 -17.54
CA ASP B 265 1.01 23.71 -17.61
C ASP B 265 1.28 24.47 -16.30
N ALA B 266 0.19 24.76 -15.57
CA ALA B 266 0.11 25.77 -14.50
C ALA B 266 1.21 25.55 -13.46
N PRO B 267 0.89 24.98 -12.26
CA PRO B 267 2.03 24.84 -11.32
C PRO B 267 3.08 23.86 -11.88
N LEU B 268 2.60 22.69 -12.31
CA LEU B 268 3.43 21.67 -12.94
C LEU B 268 2.86 21.31 -14.32
N ASN B 269 3.76 20.91 -15.20
CA ASN B 269 3.40 20.26 -16.45
C ASN B 269 2.76 18.92 -16.13
N ILE B 270 1.52 18.73 -16.57
CA ILE B 270 0.77 17.48 -16.33
C ILE B 270 0.02 17.12 -17.62
N ARG B 271 0.20 15.87 -18.05
CA ARG B 271 -0.61 15.26 -19.09
C ARG B 271 -1.04 13.89 -18.56
N SER B 272 -2.33 13.71 -18.26
CA SER B 272 -2.77 12.54 -17.50
C SER B 272 -4.17 12.09 -17.93
N ILE B 273 -4.46 10.80 -17.76
CA ILE B 273 -5.83 10.28 -17.91
C ILE B 273 -6.13 9.34 -16.75
N PHE B 274 -7.28 9.56 -16.13
CA PHE B 274 -7.73 8.76 -14.99
C PHE B 274 -9.08 8.12 -15.32
N TYR B 275 -9.20 6.82 -15.04
CA TYR B 275 -10.44 6.09 -15.27
C TYR B 275 -10.92 5.48 -13.95
N VAL B 276 -12.22 5.59 -13.72
CA VAL B 276 -12.88 4.85 -12.66
C VAL B 276 -13.61 3.68 -13.30
N PRO B 277 -13.17 2.44 -13.03
CA PRO B 277 -13.76 1.25 -13.62
C PRO B 277 -15.28 1.18 -13.38
N GLU B 278 -16.00 0.62 -14.35
CA GLU B 278 -17.44 0.38 -14.21
C GLU B 278 -17.66 -0.73 -13.18
N MET B 279 -16.71 -1.65 -13.08
CA MET B 279 -16.73 -2.72 -12.09
C MET B 279 -16.70 -2.15 -10.67
N LYS B 280 -17.41 -2.79 -9.76
CA LYS B 280 -17.17 -2.58 -8.34
C LYS B 280 -15.79 -3.14 -8.02
N PRO B 281 -15.05 -2.48 -7.12
CA PRO B 281 -13.74 -3.03 -6.76
C PRO B 281 -13.89 -4.36 -6.01
N SER B 282 -13.04 -5.33 -6.35
CA SER B 282 -13.06 -6.64 -5.69
C SER B 282 -12.72 -6.46 -4.20
N MET B 283 -13.54 -7.04 -3.32
CA MET B 283 -13.36 -6.90 -1.87
C MET B 283 -12.04 -7.57 -1.43
N PHE B 284 -11.60 -8.60 -2.16
CA PHE B 284 -10.31 -9.26 -1.89
C PHE B 284 -9.16 -8.34 -2.33
N ASP B 285 -9.34 -7.59 -3.41
CA ASP B 285 -8.27 -6.75 -3.97
C ASP B 285 -8.10 -5.47 -3.15
N VAL B 286 -9.15 -5.05 -2.44
CA VAL B 286 -9.08 -3.81 -1.64
C VAL B 286 -8.10 -4.03 -0.49
N SER B 287 -8.21 -5.18 0.18
CA SER B 287 -7.34 -5.58 1.30
C SER B 287 -5.89 -5.72 0.82
N ARG B 288 -5.70 -6.54 -0.21
CA ARG B 288 -4.39 -6.72 -0.84
C ARG B 288 -3.92 -5.37 -1.42
N SER B 293 -0.91 1.74 -9.31
CA SER B 293 -2.26 1.81 -9.87
C SER B 293 -2.25 2.60 -11.19
N VAL B 294 -1.30 3.51 -11.33
CA VAL B 294 -1.25 4.44 -12.44
C VAL B 294 0.18 4.46 -13.00
N ALA B 295 0.28 4.42 -14.33
CA ALA B 295 1.58 4.37 -15.00
C ALA B 295 2.14 5.78 -15.10
N LEU B 296 3.45 5.89 -14.97
CA LEU B 296 4.13 7.17 -15.06
C LEU B 296 5.05 7.18 -16.27
N TYR B 297 4.92 8.19 -17.12
CA TYR B 297 5.69 8.22 -18.35
C TYR B 297 6.53 9.51 -18.45
N SER B 298 7.48 9.45 -19.37
CA SER B 298 8.15 10.62 -19.92
C SER B 298 8.44 10.36 -21.40
N ARG B 299 8.11 11.34 -22.25
CA ARG B 299 8.47 11.30 -23.66
C ARG B 299 8.10 9.93 -24.26
N LYS B 300 6.93 9.41 -23.86
CA LYS B 300 6.34 8.18 -24.45
C LYS B 300 7.07 6.92 -23.97
N ILE B 301 7.99 7.02 -23.01
CA ILE B 301 8.67 5.83 -22.47
C ILE B 301 8.33 5.71 -20.98
N LEU B 302 8.12 4.46 -20.56
CA LEU B 302 7.57 4.15 -19.23
C LEU B 302 8.63 4.33 -18.15
N ILE B 303 8.19 4.83 -16.99
CA ILE B 303 8.99 5.03 -15.77
C ILE B 303 8.29 4.33 -14.59
N GLN B 304 9.05 3.92 -13.57
CA GLN B 304 8.48 3.43 -12.29
C GLN B 304 9.33 3.93 -11.11
N ASP B 309 1.65 6.74 -4.00
CA ASP B 309 2.89 6.81 -4.75
C ASP B 309 2.95 8.14 -5.52
N ILE B 310 2.06 8.28 -6.51
CA ILE B 310 1.90 9.53 -7.28
C ILE B 310 0.52 10.12 -6.96
N LEU B 311 -0.46 9.24 -6.74
CA LEU B 311 -1.74 9.59 -6.19
C LEU B 311 -1.75 9.28 -4.70
N PRO B 312 -2.60 9.97 -3.93
CA PRO B 312 -2.79 9.52 -2.57
C PRO B 312 -3.31 8.07 -2.58
N LYS B 313 -3.12 7.37 -1.47
CA LYS B 313 -3.42 5.95 -1.37
C LYS B 313 -4.92 5.71 -1.52
N TRP B 314 -5.76 6.67 -1.13
CA TRP B 314 -7.22 6.46 -1.18
C TRP B 314 -7.73 6.64 -2.62
N LEU B 315 -6.90 7.17 -3.51
CA LEU B 315 -7.25 7.29 -4.93
C LEU B 315 -6.57 6.17 -5.74
N ARG B 316 -6.37 5.02 -5.11
CA ARG B 316 -5.71 3.89 -5.76
C ARG B 316 -6.71 3.10 -6.61
N PHE B 317 -8.00 3.43 -6.46
CA PHE B 317 -9.05 2.82 -7.28
C PHE B 317 -8.99 3.39 -8.71
N LEU B 318 -8.46 4.60 -8.87
CA LEU B 318 -8.22 5.15 -10.20
C LEU B 318 -7.23 4.26 -10.95
N ARG B 319 -7.50 4.07 -12.23
CA ARG B 319 -6.54 3.46 -13.15
CA ARG B 319 -6.57 3.46 -13.17
C ARG B 319 -6.19 4.52 -14.21
N GLY B 320 -5.01 4.46 -14.79
CA GLY B 320 -4.69 5.42 -15.85
C GLY B 320 -3.23 5.80 -15.92
N VAL B 321 -2.94 7.01 -16.38
CA VAL B 321 -1.56 7.35 -16.70
C VAL B 321 -1.26 8.81 -16.34
N VAL B 322 0.00 9.09 -16.02
CA VAL B 322 0.47 10.43 -15.66
C VAL B 322 1.83 10.67 -16.33
N ASP B 323 1.96 11.79 -17.04
CA ASP B 323 3.24 12.24 -17.62
C ASP B 323 3.51 13.65 -17.09
N SER B 324 4.76 13.91 -16.72
CA SER B 324 5.16 15.24 -16.27
C SER B 324 6.62 15.50 -16.68
N GLU B 325 6.84 16.57 -17.44
CA GLU B 325 8.18 16.93 -17.93
C GLU B 325 9.01 17.56 -16.81
N ASP B 326 8.38 17.91 -15.70
CA ASP B 326 9.08 18.53 -14.59
C ASP B 326 9.72 17.44 -13.73
N ILE B 327 9.27 16.20 -13.86
CA ILE B 327 9.92 15.10 -13.16
C ILE B 327 11.22 14.77 -13.89
N PRO B 328 12.36 14.89 -13.20
CA PRO B 328 13.62 14.52 -13.82
C PRO B 328 13.85 13.01 -13.64
N LEU B 329 14.48 12.42 -14.64
CA LEU B 329 14.80 11.01 -14.63
C LEU B 329 16.19 10.82 -14.05
N ASN B 330 16.38 9.70 -13.39
CA ASN B 330 17.70 9.28 -13.01
C ASN B 330 18.32 8.54 -14.19
N LEU B 331 19.64 8.37 -14.14
CA LEU B 331 20.47 7.79 -15.22
C LEU B 331 19.98 6.40 -15.63
N SER B 332 19.37 5.67 -14.71
CA SER B 332 18.85 4.34 -14.97
C SER B 332 17.48 4.41 -15.65
N ARG B 333 16.82 5.56 -15.51
CA ARG B 333 15.52 5.88 -16.13
C ARG B 333 14.41 5.08 -15.45
N GLU B 334 14.56 4.83 -14.15
CA GLU B 334 13.54 4.09 -13.39
C GLU B 334 13.19 4.84 -12.09
N LEU B 335 13.90 5.91 -11.76
CA LEU B 335 13.60 6.70 -10.57
C LEU B 335 13.25 8.13 -10.98
N LEU B 336 12.43 8.78 -10.16
CA LEU B 336 12.07 10.19 -10.27
C LEU B 336 12.97 10.97 -9.30
N GLN B 337 13.08 12.30 -9.41
CA GLN B 337 14.26 12.94 -8.79
C GLN B 337 13.93 14.13 -7.87
N GLU B 338 12.69 14.53 -7.68
CA GLU B 338 12.40 15.53 -6.62
C GLU B 338 11.09 15.14 -5.91
N SER B 339 11.21 14.50 -4.73
CA SER B 339 10.04 13.97 -4.01
C SER B 339 9.17 15.11 -3.45
N ALA B 340 9.71 16.33 -3.39
CA ALA B 340 8.90 17.53 -3.13
C ALA B 340 8.01 17.82 -4.35
N LEU B 341 8.56 17.57 -5.54
CA LEU B 341 7.84 17.69 -6.80
C LEU B 341 6.66 16.72 -6.82
N ILE B 342 6.91 15.50 -6.34
CA ILE B 342 5.91 14.43 -6.37
C ILE B 342 4.80 14.72 -5.37
N ARG B 343 5.14 15.22 -4.18
CA ARG B 343 4.11 15.53 -3.20
C ARG B 343 3.28 16.70 -3.74
N LYS B 344 3.93 17.65 -4.42
CA LYS B 344 3.24 18.77 -5.08
C LYS B 344 2.30 18.24 -6.17
N LEU B 345 2.81 17.35 -7.00
CA LEU B 345 2.03 16.72 -8.08
C LEU B 345 0.86 15.92 -7.47
N ARG B 346 1.15 15.16 -6.43
CA ARG B 346 0.14 14.32 -5.79
C ARG B 346 -1.01 15.19 -5.25
N ASP B 347 -0.66 16.32 -4.65
CA ASP B 347 -1.66 17.21 -4.06
C ASP B 347 -2.49 17.85 -5.18
N VAL B 348 -1.84 18.21 -6.29
CA VAL B 348 -2.52 18.83 -7.44
C VAL B 348 -3.52 17.83 -8.05
N LEU B 349 -3.10 16.58 -8.19
CA LEU B 349 -3.95 15.58 -8.82
C LEU B 349 -5.15 15.28 -7.91
N GLN B 350 -4.87 15.16 -6.62
CA GLN B 350 -5.92 14.92 -5.63
C GLN B 350 -7.00 16.01 -5.70
N GLN B 351 -6.59 17.27 -5.75
CA GLN B 351 -7.55 18.37 -5.83
CA GLN B 351 -7.50 18.41 -5.86
C GLN B 351 -8.33 18.30 -7.15
N ARG B 352 -7.66 17.96 -8.24
CA ARG B 352 -8.32 17.86 -9.53
C ARG B 352 -9.32 16.70 -9.55
N VAL B 353 -8.95 15.55 -8.98
CA VAL B 353 -9.84 14.39 -8.97
C VAL B 353 -11.09 14.69 -8.13
N ILE B 354 -10.91 15.45 -7.05
CA ILE B 354 -12.02 15.83 -6.18
C ILE B 354 -12.98 16.76 -6.94
N ARG B 355 -12.42 17.75 -7.61
CA ARG B 355 -13.24 18.67 -8.39
C ARG B 355 -14.04 17.90 -9.44
N PHE B 356 -13.32 17.02 -10.13
CA PHE B 356 -13.91 16.23 -11.19
C PHE B 356 -15.11 15.44 -10.68
N LEU B 357 -14.96 14.80 -9.52
CA LEU B 357 -16.02 13.94 -9.00
C LEU B 357 -17.17 14.80 -8.46
N LEU B 358 -16.86 15.99 -7.95
CA LEU B 358 -17.90 16.95 -7.53
C LEU B 358 -18.73 17.37 -8.74
N ASP B 359 -18.03 17.65 -9.84
CA ASP B 359 -18.67 18.02 -11.11
C ASP B 359 -19.63 16.91 -11.55
N GLN B 360 -19.19 15.64 -11.44
CA GLN B 360 -20.02 14.50 -11.87
C GLN B 360 -21.24 14.32 -10.96
N SER B 361 -21.09 14.67 -9.68
CA SER B 361 -22.22 14.67 -8.76
C SER B 361 -23.31 15.62 -9.25
N LYS B 362 -22.90 16.77 -9.78
CA LYS B 362 -23.82 17.79 -10.27
C LYS B 362 -24.42 17.36 -11.61
N LYS B 363 -23.57 16.96 -12.56
CA LYS B 363 -24.00 16.55 -13.91
C LYS B 363 -25.03 15.42 -13.83
N ASP B 364 -24.70 14.36 -13.10
CA ASP B 364 -25.52 13.15 -13.05
C ASP B 364 -25.50 12.57 -11.63
N PRO B 365 -26.38 13.08 -10.74
CA PRO B 365 -26.49 12.68 -9.33
C PRO B 365 -26.83 11.19 -9.16
N GLU B 366 -27.63 10.67 -10.08
CA GLU B 366 -28.07 9.26 -10.06
C GLU B 366 -26.87 8.33 -10.29
N LYS B 367 -26.07 8.67 -11.30
CA LYS B 367 -24.88 7.90 -11.64
C LYS B 367 -23.87 7.99 -10.50
N TYR B 368 -23.77 9.17 -9.89
CA TYR B 368 -22.80 9.40 -8.84
C TYR B 368 -23.19 8.64 -7.57
N ALA B 369 -24.49 8.44 -7.35
CA ALA B 369 -24.95 7.63 -6.23
C ALA B 369 -24.40 6.21 -6.37
N ARG B 370 -24.49 5.66 -7.58
CA ARG B 370 -23.96 4.32 -7.90
C ARG B 370 -22.45 4.28 -7.67
N PHE B 371 -21.75 5.32 -8.10
CA PHE B 371 -20.29 5.41 -7.92
C PHE B 371 -19.93 5.52 -6.44
N PHE B 372 -20.72 6.31 -5.71
CA PHE B 372 -20.47 6.56 -4.30
C PHE B 372 -20.71 5.27 -3.50
N GLU B 373 -21.73 4.53 -3.91
CA GLU B 373 -22.13 3.28 -3.30
C GLU B 373 -21.05 2.22 -3.51
N ASP B 374 -20.32 2.30 -4.63
CA ASP B 374 -19.35 1.28 -5.02
C ASP B 374 -17.94 1.70 -4.61
N TYR B 375 -17.68 3.00 -4.46
CA TYR B 375 -16.31 3.48 -4.14
C TYR B 375 -16.28 4.34 -2.87
N GLY B 376 -17.41 4.51 -2.18
CA GLY B 376 -17.47 5.39 -1.01
C GLY B 376 -16.45 5.04 0.05
N LEU B 377 -16.12 3.76 0.18
CA LEU B 377 -15.21 3.30 1.23
C LEU B 377 -13.85 3.97 1.07
N PHE B 378 -13.45 4.30 -0.15
CA PHE B 378 -12.16 4.93 -0.37
C PHE B 378 -12.16 6.38 0.15
N MET B 379 -13.28 7.07 0.00
CA MET B 379 -13.40 8.43 0.54
C MET B 379 -13.20 8.38 2.06
N ARG B 380 -13.95 7.47 2.69
CA ARG B 380 -13.98 7.32 4.13
C ARG B 380 -12.57 7.02 4.66
N GLU B 381 -11.90 6.09 3.97
CA GLU B 381 -10.54 5.72 4.32
C GLU B 381 -9.64 6.96 4.27
N GLY B 382 -9.71 7.68 3.15
CA GLY B 382 -8.88 8.86 2.94
C GLY B 382 -9.13 9.93 4.00
N ILE B 383 -10.37 10.04 4.46
CA ILE B 383 -10.73 11.00 5.51
C ILE B 383 -10.11 10.54 6.84
N VAL B 384 -10.23 9.26 7.15
CA VAL B 384 -9.75 8.72 8.42
C VAL B 384 -8.22 8.75 8.47
N THR B 385 -7.52 8.64 7.33
CA THR B 385 -6.07 8.45 7.37
C THR B 385 -5.31 9.74 7.06
N THR B 386 -5.99 10.84 6.72
CA THR B 386 -5.30 12.10 6.44
C THR B 386 -4.99 12.82 7.75
N GLY B 387 -3.89 13.57 7.77
CA GLY B 387 -3.58 14.41 8.91
C GLY B 387 -4.24 15.77 8.78
N GLU B 388 -4.10 16.35 7.60
CA GLU B 388 -4.54 17.72 7.32
C GLU B 388 -6.06 17.77 7.26
N GLN B 389 -6.63 18.69 8.05
CA GLN B 389 -8.07 18.87 8.19
C GLN B 389 -8.67 19.37 6.87
N SER B 390 -7.92 20.21 6.16
CA SER B 390 -8.37 20.80 4.90
C SER B 390 -8.56 19.71 3.85
N VAL B 391 -7.67 18.72 3.86
CA VAL B 391 -7.77 17.60 2.95
C VAL B 391 -8.95 16.71 3.38
N LYS B 392 -9.12 16.49 4.69
CA LYS B 392 -10.29 15.76 5.19
C LYS B 392 -11.58 16.39 4.67
N GLU B 393 -11.66 17.71 4.76
CA GLU B 393 -12.89 18.41 4.41
C GLU B 393 -13.04 18.46 2.88
N ASP B 394 -11.92 18.52 2.17
CA ASP B 394 -11.96 18.42 0.72
C ASP B 394 -12.61 17.08 0.32
N ILE B 395 -12.13 15.98 0.89
CA ILE B 395 -12.62 14.65 0.53
C ILE B 395 -14.06 14.50 1.00
N ALA B 396 -14.38 15.10 2.13
CA ALA B 396 -15.71 14.97 2.74
C ALA B 396 -16.79 15.61 1.87
N LYS B 397 -16.40 16.52 0.97
CA LYS B 397 -17.31 17.07 -0.03
C LYS B 397 -17.93 15.97 -0.90
N LEU B 398 -17.23 14.85 -1.03
CA LEU B 398 -17.68 13.76 -1.90
C LEU B 398 -18.74 12.91 -1.20
N LEU B 399 -18.89 13.01 0.12
CA LEU B 399 -19.80 12.11 0.85
C LEU B 399 -21.25 12.53 0.59
N ARG B 400 -22.13 11.55 0.57
CA ARG B 400 -23.56 11.79 0.37
C ARG B 400 -24.32 11.15 1.55
N PHE B 401 -25.39 11.83 1.97
CA PHE B 401 -26.24 11.33 3.04
C PHE B 401 -27.69 11.65 2.69
N GLU B 402 -28.61 11.13 3.50
CA GLU B 402 -30.00 11.53 3.43
C GLU B 402 -30.22 12.61 4.50
N SER B 403 -31.45 13.10 4.63
CA SER B 403 -31.73 14.22 5.54
C SER B 403 -33.16 14.13 6.09
N SER B 404 -33.34 14.70 7.27
CA SER B 404 -34.68 14.79 7.87
C SER B 404 -35.47 15.91 7.18
N ALA B 405 -34.77 16.80 6.50
CA ALA B 405 -35.41 17.90 5.77
C ALA B 405 -35.95 17.40 4.42
N LEU B 406 -35.14 16.60 3.74
CA LEU B 406 -35.46 16.15 2.39
C LEU B 406 -36.33 14.90 2.47
N PRO B 407 -36.90 14.47 1.33
CA PRO B 407 -37.68 13.23 1.30
C PRO B 407 -36.79 11.96 1.31
N ALA B 408 -37.44 10.82 1.44
CA ALA B 408 -36.76 9.54 1.43
C ALA B 408 -36.07 9.32 0.08
N GLY B 409 -34.87 8.77 0.14
CA GLY B 409 -34.12 8.43 -1.06
C GLY B 409 -33.22 9.57 -1.52
N GLN B 410 -33.56 10.81 -1.17
CA GLN B 410 -32.85 11.95 -1.74
C GLN B 410 -31.52 12.18 -1.00
N GLN B 411 -30.45 12.10 -1.77
CA GLN B 411 -29.09 12.31 -1.27
C GLN B 411 -28.81 13.81 -1.17
N THR B 412 -27.89 14.16 -0.28
CA THR B 412 -27.47 15.55 -0.04
C THR B 412 -25.99 15.54 0.39
N SER B 413 -25.39 16.73 0.47
CA SER B 413 -24.01 16.84 0.91
C SER B 413 -23.94 17.70 2.18
N LEU B 414 -22.74 17.78 2.75
CA LEU B 414 -22.51 18.63 3.91
C LEU B 414 -22.65 20.10 3.48
N MET B 415 -22.35 20.37 2.22
CA MET B 415 -22.42 21.71 1.65
C MET B 415 -23.88 22.17 1.60
N GLU B 416 -24.76 21.28 1.14
CA GLU B 416 -26.17 21.61 1.01
C GLU B 416 -26.80 21.67 2.41
N TYR B 417 -26.29 20.86 3.34
CA TYR B 417 -26.66 20.97 4.76
C TYR B 417 -26.21 22.34 5.30
N SER B 418 -24.95 22.65 5.06
CA SER B 418 -24.31 23.89 5.51
C SER B 418 -25.13 25.11 5.05
N SER B 419 -25.55 25.09 3.79
CA SER B 419 -26.24 26.22 3.18
C SER B 419 -27.71 26.27 3.64
N ARG B 420 -28.22 25.21 4.25
CA ARG B 420 -29.60 25.19 4.79
C ARG B 420 -29.61 25.69 6.24
N MET B 421 -28.43 25.84 6.82
CA MET B 421 -28.33 26.14 8.25
C MET B 421 -28.73 27.59 8.50
N LYS B 422 -29.70 27.77 9.40
CA LYS B 422 -30.05 29.08 9.98
C LYS B 422 -28.77 29.76 10.49
N ALA B 423 -28.77 31.10 10.46
CA ALA B 423 -27.55 31.93 10.66
C ALA B 423 -26.90 31.70 12.04
N GLY B 424 -27.71 31.43 13.07
CA GLY B 424 -27.19 31.28 14.43
C GLY B 424 -26.63 29.89 14.70
N THR B 425 -27.09 28.90 13.95
CA THR B 425 -26.75 27.50 14.18
C THR B 425 -25.26 27.26 13.95
N ARG B 426 -24.67 26.42 14.81
CA ARG B 426 -23.23 26.33 15.00
C ARG B 426 -22.74 24.89 14.77
N ASN B 427 -23.65 23.96 14.48
CA ASN B 427 -23.31 22.53 14.43
C ASN B 427 -24.07 21.82 13.31
N ILE B 428 -23.52 20.67 12.93
CA ILE B 428 -24.08 19.79 11.91
C ILE B 428 -24.48 18.49 12.58
N TYR B 429 -25.78 18.20 12.63
CA TYR B 429 -26.27 17.05 13.38
C TYR B 429 -26.41 15.85 12.46
N TYR B 430 -25.97 14.69 12.96
CA TYR B 430 -26.10 13.45 12.23
C TYR B 430 -26.63 12.34 13.13
N LEU B 431 -27.08 11.30 12.45
CA LEU B 431 -27.60 10.10 13.05
C LEU B 431 -27.27 8.94 12.12
N CYS B 432 -26.68 7.89 12.66
CA CYS B 432 -26.25 6.76 11.85
C CYS B 432 -27.15 5.56 12.13
N ALA B 433 -27.82 5.08 11.08
CA ALA B 433 -28.69 3.91 11.17
C ALA B 433 -28.58 3.06 9.89
N PRO B 434 -28.98 1.79 9.95
CA PRO B 434 -28.93 0.89 8.79
C PRO B 434 -29.66 1.43 7.55
N ASN B 435 -30.79 2.10 7.73
CA ASN B 435 -31.61 2.52 6.58
C ASN B 435 -32.51 3.70 6.97
N ARG B 436 -33.22 4.23 5.98
CA ARG B 436 -34.04 5.43 6.15
C ARG B 436 -35.12 5.19 7.22
N HIS B 437 -35.80 4.05 7.18
CA HIS B 437 -36.96 3.82 8.05
C HIS B 437 -36.55 3.89 9.53
N LEU B 438 -35.41 3.29 9.85
CA LEU B 438 -34.94 3.22 11.22
C LEU B 438 -34.48 4.60 11.69
N ALA B 439 -33.85 5.36 10.81
CA ALA B 439 -33.47 6.74 11.12
C ALA B 439 -34.73 7.56 11.42
N GLU B 440 -35.72 7.46 10.54
CA GLU B 440 -36.96 8.25 10.62
C GLU B 440 -37.71 7.93 11.92
N HIS B 441 -37.70 6.66 12.33
CA HIS B 441 -38.49 6.24 13.50
C HIS B 441 -37.56 5.94 14.69
N SER B 442 -36.29 6.31 14.56
CA SER B 442 -35.30 6.17 15.62
C SER B 442 -35.79 6.94 16.86
N PRO B 443 -35.60 6.34 18.06
CA PRO B 443 -35.85 7.04 19.33
C PRO B 443 -34.97 8.30 19.46
N TYR B 444 -33.78 8.26 18.90
CA TYR B 444 -32.84 9.37 18.97
C TYR B 444 -33.30 10.50 18.05
N PHE B 445 -34.03 10.16 16.98
CA PHE B 445 -34.54 11.19 16.10
C PHE B 445 -35.84 11.77 16.68
N GLU B 446 -36.68 10.92 17.26
CA GLU B 446 -37.87 11.38 18.00
C GLU B 446 -37.49 12.51 18.97
N ALA B 447 -36.31 12.39 19.56
CA ALA B 447 -35.78 13.35 20.53
C ALA B 447 -35.29 14.62 19.84
N MET B 448 -34.59 14.48 18.71
CA MET B 448 -34.11 15.63 17.91
C MET B 448 -35.29 16.40 17.31
N LYS B 449 -36.41 15.72 17.06
CA LYS B 449 -37.61 16.31 16.46
C LYS B 449 -38.19 17.41 17.34
N GLN B 450 -37.87 17.40 18.63
CA GLN B 450 -38.37 18.41 19.54
C GLN B 450 -37.61 19.72 19.31
N LYS B 451 -36.36 19.62 18.83
CA LYS B 451 -35.65 20.78 18.26
C LYS B 451 -36.11 20.95 16.81
N ASP B 452 -35.74 22.06 16.17
CA ASP B 452 -36.01 22.21 14.74
C ASP B 452 -34.67 22.35 14.01
N MET B 453 -33.78 21.39 14.25
CA MET B 453 -32.53 21.27 13.53
C MET B 453 -32.67 20.17 12.46
N GLU B 454 -32.03 20.39 11.32
CA GLU B 454 -31.89 19.36 10.32
C GLU B 454 -30.91 18.30 10.84
N VAL B 455 -31.20 17.05 10.53
CA VAL B 455 -30.39 15.92 10.94
C VAL B 455 -29.99 15.14 9.69
N LEU B 456 -28.68 14.96 9.47
CA LEU B 456 -28.19 14.07 8.42
C LEU B 456 -28.48 12.62 8.81
N PHE B 457 -28.81 11.82 7.81
CA PHE B 457 -29.02 10.40 7.98
C PHE B 457 -27.94 9.63 7.20
N CYS B 458 -27.09 8.90 7.91
CA CYS B 458 -25.98 8.16 7.30
C CYS B 458 -26.24 6.65 7.44
N PHE B 459 -26.13 5.89 6.35
CA PHE B 459 -26.58 4.48 6.34
C PHE B 459 -25.43 3.48 6.13
N GLU B 460 -24.23 3.92 5.77
CA GLU B 460 -23.13 2.95 5.56
C GLU B 460 -22.45 2.64 6.90
N GLN B 461 -21.83 1.48 6.96
CA GLN B 461 -21.23 0.90 8.16
C GLN B 461 -20.22 1.86 8.82
N PHE B 462 -19.28 2.40 8.04
CA PHE B 462 -18.20 3.23 8.58
C PHE B 462 -18.50 4.72 8.43
N ASP B 463 -19.77 5.11 8.37
CA ASP B 463 -20.09 6.53 8.23
C ASP B 463 -19.78 7.26 9.52
N GLU B 464 -20.19 6.68 10.66
CA GLU B 464 -20.01 7.34 11.96
C GLU B 464 -18.52 7.50 12.25
N LEU B 465 -17.75 6.46 11.98
CA LEU B 465 -16.31 6.50 12.18
C LEU B 465 -15.71 7.66 11.36
N THR B 466 -16.19 7.81 10.13
CA THR B 466 -15.69 8.84 9.23
C THR B 466 -15.98 10.23 9.80
N LEU B 467 -17.18 10.42 10.34
CA LEU B 467 -17.60 11.73 10.86
C LEU B 467 -16.90 12.02 12.20
N LEU B 468 -16.49 10.99 12.94
CA LEU B 468 -15.70 11.20 14.15
C LEU B 468 -14.30 11.71 13.77
N HIS B 469 -13.70 11.11 12.75
CA HIS B 469 -12.37 11.56 12.32
C HIS B 469 -12.47 12.93 11.63
N LEU B 470 -13.60 13.19 10.98
CA LEU B 470 -13.80 14.46 10.28
C LEU B 470 -13.93 15.61 11.29
N ARG B 471 -14.74 15.41 12.33
CA ARG B 471 -14.84 16.32 13.51
C ARG B 471 -15.65 17.58 13.15
N GLU B 472 -15.16 18.36 12.19
CA GLU B 472 -15.82 19.58 11.79
C GLU B 472 -15.79 19.70 10.27
N PHE B 473 -16.65 20.58 9.77
CA PHE B 473 -16.73 20.89 8.36
C PHE B 473 -17.13 22.37 8.20
N ASP B 474 -16.32 23.15 7.50
CA ASP B 474 -16.59 24.59 7.32
C ASP B 474 -16.71 25.25 8.69
N ARG B 475 -15.88 24.81 9.64
CA ARG B 475 -15.82 25.34 11.02
C ARG B 475 -17.13 25.12 11.77
N LYS B 476 -17.85 24.03 11.42
CA LYS B 476 -19.07 23.63 12.13
C LYS B 476 -18.87 22.22 12.70
N LYS B 477 -19.11 22.08 14.00
CA LYS B 477 -18.81 20.82 14.69
C LYS B 477 -19.85 19.77 14.33
N LEU B 478 -19.37 18.55 14.12
CA LEU B 478 -20.23 17.42 13.86
C LEU B 478 -20.63 16.77 15.18
N ILE B 479 -21.93 16.68 15.44
CA ILE B 479 -22.45 16.14 16.68
C ILE B 479 -23.57 15.17 16.36
N SER B 480 -23.45 13.95 16.87
CA SER B 480 -24.49 12.96 16.69
C SER B 480 -25.71 13.34 17.53
N ALA B 481 -26.88 12.90 17.07
CA ALA B 481 -28.11 13.04 17.83
C ALA B 481 -27.88 12.53 19.26
N GLU B 482 -27.36 11.30 19.35
CA GLU B 482 -27.19 10.57 20.60
C GLU B 482 -26.31 11.37 21.57
N THR B 483 -25.22 11.91 21.04
CA THR B 483 -24.34 12.78 21.82
C THR B 483 -25.14 14.00 22.33
N ASP B 484 -25.77 14.71 21.41
CA ASP B 484 -26.47 15.97 21.69
C ASP B 484 -27.61 15.72 22.69
N ILE B 485 -28.16 14.51 22.69
CA ILE B 485 -29.21 14.17 23.66
C ILE B 485 -28.62 14.15 25.07
N VAL B 486 -27.38 13.66 25.21
CA VAL B 486 -26.73 13.56 26.52
C VAL B 486 -26.32 14.97 26.99
N VAL B 487 -25.86 15.81 26.08
CA VAL B 487 -25.39 17.15 26.45
C VAL B 487 -26.58 17.98 26.96
N ASP B 488 -27.77 17.72 26.42
CA ASP B 488 -28.96 18.49 26.74
C ASP B 488 -29.41 18.22 28.18
N HIS B 489 -28.97 17.09 28.77
CA HIS B 489 -29.19 16.85 30.19
C HIS B 489 -28.51 17.95 31.02
N TYR B 490 -27.26 18.25 30.69
CA TYR B 490 -26.45 19.18 31.48
C TYR B 490 -26.71 20.63 31.02
N LYS B 491 -27.84 20.82 30.34
CA LYS B 491 -28.38 22.14 30.06
C LYS B 491 -29.77 22.19 30.71
N GLU B 492 -30.66 23.02 30.19
CA GLU B 492 -32.05 23.00 30.61
C GLU B 492 -32.78 21.92 29.81
N GLU B 493 -33.35 20.95 30.53
CA GLU B 493 -34.31 20.03 29.90
C GLU B 493 -35.13 20.84 28.90
N LYS B 494 -36.11 21.61 29.39
CA LYS B 494 -36.92 22.52 28.56
C LYS B 494 -37.89 21.69 27.68
N PHE B 495 -37.77 20.36 27.68
CA PHE B 495 -38.58 19.52 26.79
C PHE B 495 -39.81 18.98 27.55
N GLN B 496 -40.96 19.11 26.91
CA GLN B 496 -42.23 18.67 27.48
C GLN B 496 -42.65 17.37 26.80
N ASP B 497 -43.29 16.49 27.56
CA ASP B 497 -43.68 15.16 27.06
C ASP B 497 -44.70 15.32 25.93
N SER B 498 -44.67 14.38 25.01
CA SER B 498 -45.61 14.33 23.89
C SER B 498 -47.01 13.97 24.39
N LYS B 499 -47.06 13.15 25.44
CA LYS B 499 -48.32 12.71 26.04
C LYS B 499 -48.67 13.59 27.25
N PRO B 500 -49.96 13.77 27.53
CA PRO B 500 -50.38 14.52 28.71
C PRO B 500 -50.16 13.70 30.00
N ALA B 501 -50.22 14.39 31.15
CA ALA B 501 -50.03 13.78 32.46
C ALA B 501 -51.03 12.64 32.70
N SER B 502 -52.17 12.70 32.01
CA SER B 502 -53.24 11.70 32.13
C SER B 502 -52.77 10.32 31.63
N GLU B 503 -51.93 10.31 30.60
CA GLU B 503 -51.49 9.06 29.96
C GLU B 503 -50.18 8.58 30.57
N ARG B 504 -49.51 9.40 31.37
CA ARG B 504 -48.20 9.02 31.92
C ARG B 504 -48.38 8.41 33.31
N LEU B 505 -47.30 7.83 33.82
CA LEU B 505 -47.21 7.45 35.23
C LEU B 505 -47.10 8.72 36.06
N SER B 506 -47.70 8.71 37.26
CA SER B 506 -47.52 9.80 38.22
C SER B 506 -46.06 9.81 38.68
N SER B 507 -45.57 10.97 39.10
CA SER B 507 -44.19 11.12 39.59
C SER B 507 -43.90 10.06 40.66
N GLU B 508 -44.92 9.77 41.48
CA GLU B 508 -44.79 8.83 42.60
C GLU B 508 -44.66 7.39 42.06
N GLN B 509 -45.40 7.05 40.99
CA GLN B 509 -45.32 5.69 40.42
C GLN B 509 -44.01 5.57 39.63
N ALA B 510 -43.55 6.67 39.02
CA ALA B 510 -42.30 6.67 38.28
C ALA B 510 -41.13 6.47 39.25
N GLU B 511 -41.12 7.23 40.33
CA GLU B 511 -40.07 7.13 41.35
C GLU B 511 -39.92 5.68 41.82
N ASP B 512 -41.06 5.06 42.10
CA ASP B 512 -41.11 3.70 42.60
C ASP B 512 -40.53 2.75 41.55
N LEU B 513 -40.91 2.95 40.29
CA LEU B 513 -40.49 2.09 39.20
C LEU B 513 -38.99 2.22 38.94
N LEU B 514 -38.47 3.44 38.98
CA LEU B 514 -37.03 3.64 38.79
C LEU B 514 -36.27 2.90 39.89
N ALA B 515 -36.70 3.14 41.13
CA ALA B 515 -36.09 2.51 42.31
C ALA B 515 -35.97 0.99 42.10
N TRP B 516 -37.07 0.38 41.65
CA TRP B 516 -37.10 -1.06 41.39
C TRP B 516 -36.17 -1.42 40.22
N MET B 517 -36.17 -0.60 39.17
CA MET B 517 -35.34 -0.87 38.01
C MET B 517 -33.85 -0.76 38.37
N ARG B 518 -33.51 0.19 39.23
CA ARG B 518 -32.11 0.40 39.62
C ARG B 518 -31.57 -0.87 40.29
N ASN B 519 -32.40 -1.52 41.10
CA ASN B 519 -32.02 -2.75 41.77
C ASN B 519 -31.86 -3.91 40.78
N ALA B 520 -32.73 -3.98 39.78
CA ALA B 520 -32.77 -5.14 38.89
C ALA B 520 -31.66 -5.06 37.82
N LEU B 521 -31.05 -3.89 37.63
CA LEU B 521 -29.98 -3.73 36.63
C LEU B 521 -28.69 -3.22 37.28
N VAL B 522 -28.58 -3.43 38.60
CA VAL B 522 -27.51 -2.87 39.48
C VAL B 522 -26.22 -2.60 38.70
N GLN B 523 -25.60 -3.62 38.14
CA GLN B 523 -24.23 -3.51 37.65
C GLN B 523 -24.19 -3.36 36.12
N ARG B 524 -25.32 -3.05 35.50
CA ARG B 524 -25.40 -3.03 34.04
C ARG B 524 -25.56 -1.60 33.51
N VAL B 525 -26.03 -0.68 34.36
CA VAL B 525 -26.25 0.71 33.97
C VAL B 525 -25.60 1.63 35.03
N THR B 526 -25.11 2.78 34.58
CA THR B 526 -24.75 3.85 35.49
C THR B 526 -26.05 4.45 36.06
N ASN B 527 -26.86 5.06 35.19
CA ASN B 527 -28.07 5.77 35.62
C ASN B 527 -29.31 5.15 34.98
N ILE B 528 -30.42 5.29 35.70
CA ILE B 528 -31.76 5.15 35.14
C ILE B 528 -32.51 6.46 35.41
N LYS B 529 -33.28 6.94 34.43
CA LYS B 529 -34.07 8.16 34.59
C LYS B 529 -35.19 8.21 33.54
N VAL B 530 -36.17 9.09 33.76
CA VAL B 530 -37.26 9.24 32.79
C VAL B 530 -36.82 10.29 31.75
N THR B 531 -37.31 10.13 30.52
CA THR B 531 -37.12 11.12 29.48
C THR B 531 -38.51 11.52 28.96
N PRO B 532 -38.72 12.82 28.74
CA PRO B 532 -39.91 13.32 28.08
C PRO B 532 -39.75 13.36 26.55
N ARG B 533 -38.61 12.88 26.05
CA ARG B 533 -38.21 13.09 24.65
C ARG B 533 -38.54 11.87 23.78
N LEU B 534 -39.40 10.97 24.25
CA LEU B 534 -39.77 9.80 23.47
C LEU B 534 -41.28 9.79 23.23
N ASP B 535 -41.71 9.02 22.23
CA ASP B 535 -43.12 8.84 21.92
C ASP B 535 -43.39 7.36 21.69
N THR B 536 -42.83 6.83 20.60
CA THR B 536 -43.12 5.47 20.12
C THR B 536 -42.39 4.43 20.98
N HIS B 537 -41.21 4.79 21.48
CA HIS B 537 -40.35 3.82 22.15
C HIS B 537 -40.54 3.87 23.66
N PRO B 538 -40.42 2.69 24.32
CA PRO B 538 -40.51 2.61 25.78
C PRO B 538 -39.29 3.21 26.49
N ALA B 539 -38.11 3.09 25.89
CA ALA B 539 -36.90 3.53 26.54
C ALA B 539 -35.77 3.71 25.51
N MET B 540 -34.63 4.23 25.96
CA MET B 540 -33.44 4.32 25.13
C MET B 540 -32.16 4.34 25.98
N ILE B 541 -31.07 3.87 25.39
CA ILE B 541 -29.76 3.90 26.04
C ILE B 541 -28.99 5.10 25.52
N THR B 542 -28.45 5.91 26.43
CA THR B 542 -27.66 7.09 26.06
C THR B 542 -26.25 6.97 26.64
N VAL B 543 -25.29 7.36 25.81
CA VAL B 543 -23.87 7.40 26.13
C VAL B 543 -23.31 8.66 25.47
N LEU B 544 -22.61 9.51 26.22
CA LEU B 544 -22.12 10.75 25.65
C LEU B 544 -21.40 10.45 24.33
N GLU B 545 -20.38 9.60 24.41
CA GLU B 545 -19.59 9.26 23.23
C GLU B 545 -20.10 7.94 22.66
N MET B 546 -21.27 8.02 22.05
CA MET B 546 -21.97 6.86 21.49
C MET B 546 -21.19 6.31 20.30
N GLY B 547 -20.79 7.18 19.38
CA GLY B 547 -20.09 6.73 18.18
C GLY B 547 -18.79 6.01 18.53
N ALA B 548 -18.06 6.60 19.46
CA ALA B 548 -16.77 6.05 19.89
C ALA B 548 -16.97 4.69 20.57
N ALA B 549 -18.03 4.60 21.38
CA ALA B 549 -18.36 3.37 22.07
C ALA B 549 -18.70 2.29 21.04
N ARG B 550 -19.57 2.65 20.10
CA ARG B 550 -19.99 1.74 19.02
C ARG B 550 -18.77 1.19 18.26
N HIS B 551 -17.81 2.06 17.99
CA HIS B 551 -16.62 1.67 17.25
C HIS B 551 -15.75 0.73 18.08
N PHE B 552 -15.52 1.10 19.34
CA PHE B 552 -14.69 0.30 20.23
C PHE B 552 -15.22 -1.14 20.33
N LEU B 553 -16.54 -1.29 20.39
CA LEU B 553 -17.22 -2.59 20.45
C LEU B 553 -16.85 -3.44 19.23
N ARG B 554 -16.40 -2.83 18.14
CA ARG B 554 -15.84 -3.57 17.01
C ARG B 554 -14.33 -3.71 17.25
N THR B 555 -14.01 -4.52 18.25
CA THR B 555 -12.64 -4.65 18.78
C THR B 555 -11.73 -5.22 17.68
N ILE B 568 -18.36 -3.74 30.50
CA ILE B 568 -19.54 -2.88 30.52
C ILE B 568 -19.15 -1.50 30.02
N LEU B 569 -20.13 -0.58 29.98
CA LEU B 569 -19.90 0.84 29.69
C LEU B 569 -20.39 1.68 30.89
N GLN B 570 -20.62 2.98 30.65
CA GLN B 570 -21.31 3.86 31.59
C GLN B 570 -22.70 4.22 31.04
N PRO B 571 -23.48 3.20 30.61
CA PRO B 571 -24.71 3.55 29.90
C PRO B 571 -25.77 4.13 30.83
N THR B 572 -26.66 4.91 30.25
CA THR B 572 -27.80 5.45 30.95
C THR B 572 -29.05 4.93 30.24
N LEU B 573 -30.00 4.41 31.01
CA LEU B 573 -31.27 3.98 30.46
C LEU B 573 -32.31 5.05 30.79
N GLU B 574 -33.01 5.51 29.76
CA GLU B 574 -34.00 6.57 29.90
C GLU B 574 -35.37 6.03 29.48
N ILE B 575 -36.39 6.21 30.31
CA ILE B 575 -37.67 5.52 30.10
C ILE B 575 -38.76 6.54 29.76
N ASN B 576 -39.74 6.02 29.01
CA ASN B 576 -40.89 6.77 28.55
C ASN B 576 -42.08 6.35 29.39
N THR B 577 -42.45 7.17 30.39
CA THR B 577 -43.50 6.78 31.34
C THR B 577 -44.90 6.97 30.73
N GLY B 578 -44.98 7.51 29.50
CA GLY B 578 -46.23 7.53 28.73
C GLY B 578 -46.46 6.24 27.95
N HIS B 579 -45.42 5.42 27.79
CA HIS B 579 -45.47 4.20 26.97
C HIS B 579 -46.20 3.07 27.71
N ASP B 580 -47.08 2.37 26.98
CA ASP B 580 -47.97 1.34 27.53
C ASP B 580 -47.16 0.19 28.15
N LEU B 581 -46.03 -0.14 27.56
CA LEU B 581 -45.17 -1.25 28.00
C LEU B 581 -44.54 -0.92 29.36
N ILE B 582 -44.15 0.35 29.54
CA ILE B 582 -43.53 0.84 30.78
C ILE B 582 -44.58 0.88 31.89
N LYS B 583 -45.80 1.29 31.57
CA LYS B 583 -46.88 1.37 32.56
C LYS B 583 -47.20 -0.05 33.02
N LYS B 584 -47.17 -0.98 32.07
CA LYS B 584 -47.46 -2.37 32.35
C LYS B 584 -46.32 -2.94 33.21
N LEU B 585 -45.10 -2.51 32.94
CA LEU B 585 -43.94 -2.92 33.73
C LEU B 585 -44.14 -2.47 35.19
N HIS B 586 -44.55 -1.22 35.35
CA HIS B 586 -44.81 -0.67 36.68
C HIS B 586 -45.91 -1.50 37.38
N ALA B 587 -46.88 -1.98 36.61
CA ALA B 587 -47.96 -2.80 37.16
C ALA B 587 -47.46 -4.21 37.49
N LEU B 588 -46.61 -4.77 36.63
CA LEU B 588 -46.20 -6.17 36.74
C LEU B 588 -45.26 -6.39 37.93
N LYS B 589 -44.53 -5.37 38.37
CA LYS B 589 -43.51 -5.56 39.39
C LYS B 589 -44.15 -5.98 40.72
N ASP B 590 -45.45 -5.73 40.89
CA ASP B 590 -46.17 -6.08 42.12
C ASP B 590 -47.08 -7.30 41.87
N SER B 591 -47.54 -7.51 40.64
CA SER B 591 -48.52 -8.57 40.36
C SER B 591 -47.84 -9.85 39.86
N ASN B 592 -46.68 -9.72 39.20
CA ASN B 592 -46.00 -10.84 38.59
C ASN B 592 -44.50 -10.50 38.45
N PRO B 593 -43.80 -10.35 39.59
CA PRO B 593 -42.41 -9.85 39.70
C PRO B 593 -41.40 -10.55 38.78
N GLU B 594 -41.56 -11.86 38.62
CA GLU B 594 -40.65 -12.64 37.79
C GLU B 594 -40.82 -12.20 36.33
N LEU B 595 -42.07 -12.01 35.92
CA LEU B 595 -42.39 -11.54 34.57
C LEU B 595 -41.87 -10.10 34.41
N ALA B 596 -42.05 -9.27 35.44
CA ALA B 596 -41.59 -7.88 35.40
C ALA B 596 -40.08 -7.82 35.16
N GLN B 597 -39.31 -8.64 35.88
CA GLN B 597 -37.86 -8.64 35.72
C GLN B 597 -37.48 -9.15 34.32
N LEU B 598 -38.16 -10.21 33.88
CA LEU B 598 -37.98 -10.74 32.52
C LEU B 598 -38.24 -9.64 31.48
N LEU B 599 -39.31 -8.87 31.67
CA LEU B 599 -39.66 -7.80 30.74
C LEU B 599 -38.57 -6.72 30.74
N LEU B 600 -38.16 -6.29 31.93
CA LEU B 600 -37.16 -5.23 32.08
C LEU B 600 -35.87 -5.61 31.34
N GLU B 601 -35.49 -6.88 31.45
CA GLU B 601 -34.28 -7.40 30.82
C GLU B 601 -34.38 -7.23 29.30
N GLN B 602 -35.55 -7.54 28.76
CA GLN B 602 -35.78 -7.48 27.31
C GLN B 602 -35.86 -6.01 26.85
N ILE B 603 -36.44 -5.13 27.67
CA ILE B 603 -36.53 -3.69 27.35
C ILE B 603 -35.11 -3.10 27.30
N TYR B 604 -34.32 -3.41 28.32
CA TYR B 604 -32.93 -2.94 28.35
C TYR B 604 -32.17 -3.54 27.17
N ASP B 605 -32.40 -4.81 26.88
CA ASP B 605 -31.77 -5.52 25.76
C ASP B 605 -32.16 -4.86 24.44
N ASN B 606 -33.46 -4.59 24.29
CA ASN B 606 -34.00 -3.93 23.11
C ASN B 606 -33.34 -2.55 22.95
N ALA B 607 -33.22 -1.82 24.03
CA ALA B 607 -32.69 -0.46 23.99
C ALA B 607 -31.21 -0.47 23.61
N MET B 608 -30.48 -1.48 24.07
CA MET B 608 -29.06 -1.62 23.73
C MET B 608 -28.90 -1.98 22.25
N ILE B 609 -29.83 -2.77 21.72
CA ILE B 609 -29.80 -3.11 20.31
C ILE B 609 -30.05 -1.84 19.49
N ALA B 610 -31.13 -1.12 19.80
CA ALA B 610 -31.45 0.12 19.10
C ALA B 610 -30.28 1.11 19.18
N ALA B 611 -29.46 1.00 20.23
CA ALA B 611 -28.34 1.90 20.44
C ALA B 611 -27.12 1.44 19.63
N GLY B 612 -27.17 0.27 19.03
CA GLY B 612 -26.03 -0.30 18.33
C GLY B 612 -24.90 -0.66 19.28
N LEU B 613 -25.26 -1.01 20.52
CA LEU B 613 -24.28 -1.33 21.56
C LEU B 613 -24.40 -2.80 21.99
N ASN B 614 -25.25 -3.57 21.32
CA ASN B 614 -25.49 -4.96 21.68
C ASN B 614 -24.34 -5.84 21.19
N GLU B 615 -23.96 -6.81 22.01
CA GLU B 615 -22.97 -7.82 21.63
C GLU B 615 -23.70 -8.91 20.84
N ASP B 616 -23.19 -10.14 20.85
CA ASP B 616 -23.89 -11.26 20.23
C ASP B 616 -25.36 -11.25 20.69
N PRO B 617 -26.30 -11.12 19.74
CA PRO B 617 -27.72 -11.10 20.09
C PRO B 617 -28.32 -12.49 20.35
N ARG B 618 -27.58 -13.55 20.01
CA ARG B 618 -28.10 -14.93 20.05
C ARG B 618 -28.47 -15.34 21.48
N PRO B 619 -27.60 -15.05 22.47
CA PRO B 619 -27.87 -15.45 23.86
C PRO B 619 -29.23 -14.96 24.37
N MET B 620 -29.70 -13.82 23.84
CA MET B 620 -30.96 -13.23 24.25
C MET B 620 -32.16 -14.05 23.74
N ILE B 621 -32.02 -14.63 22.54
CA ILE B 621 -33.13 -15.31 21.87
C ILE B 621 -33.76 -16.33 22.82
N SER B 622 -32.95 -16.96 23.67
CA SER B 622 -33.47 -17.91 24.62
C SER B 622 -34.29 -17.18 25.71
N ARG B 623 -33.73 -16.09 26.25
CA ARG B 623 -34.44 -15.27 27.25
C ARG B 623 -35.76 -14.73 26.66
N LEU B 624 -35.74 -14.40 25.36
CA LEU B 624 -36.88 -13.82 24.69
C LEU B 624 -38.01 -14.85 24.54
N ASN B 625 -37.65 -16.06 24.09
CA ASN B 625 -38.65 -17.11 23.88
C ASN B 625 -39.35 -17.43 25.21
N GLN B 626 -38.60 -17.52 26.32
CA GLN B 626 -39.20 -17.84 27.63
C GLN B 626 -39.98 -16.64 28.18
N LEU B 627 -39.68 -15.43 27.71
CA LEU B 627 -40.52 -14.26 28.03
C LEU B 627 -41.84 -14.37 27.24
N LEU B 628 -41.72 -14.60 25.94
CA LEU B 628 -42.87 -14.65 25.03
C LEU B 628 -43.87 -15.74 25.47
N THR B 629 -43.39 -16.92 25.85
CA THR B 629 -44.30 -18.00 26.25
C THR B 629 -45.10 -17.59 27.49
N ARG B 630 -44.39 -17.02 28.47
CA ARG B 630 -44.98 -16.70 29.78
C ARG B 630 -45.94 -15.51 29.67
N ALA B 631 -45.68 -14.62 28.71
CA ALA B 631 -46.56 -13.48 28.47
C ALA B 631 -47.81 -13.95 27.71
N LEU B 632 -47.62 -14.86 26.76
CA LEU B 632 -48.73 -15.39 25.98
C LEU B 632 -49.40 -16.55 26.71
N GLU B 633 -49.22 -16.65 28.03
CA GLU B 633 -49.69 -17.82 28.79
C GLU B 633 -51.15 -17.63 29.19
N LYS B 634 -51.61 -16.38 29.27
CA LYS B 634 -53.01 -16.10 29.60
C LYS B 634 -53.76 -15.73 28.30
N HIS B 635 -53.53 -16.51 27.24
CA HIS B 635 -54.10 -16.22 25.91
C HIS B 635 -54.77 -17.47 25.36
PG ANP C . 30.83 4.89 -3.38
O1G ANP C . 30.56 5.63 -2.10
O2G ANP C . 30.67 5.75 -4.62
O3G ANP C . 30.12 3.57 -3.44
PB ANP C . 33.70 5.48 -2.87
O1B ANP C . 33.05 6.17 -1.72
O2B ANP C . 35.01 4.80 -2.59
N3B ANP C . 32.50 4.37 -3.41
PA ANP C . 34.04 8.10 -3.73
O1A ANP C . 32.84 8.45 -2.90
O2A ANP C . 34.34 8.86 -5.01
O3A ANP C . 33.96 6.52 -4.05
O5' ANP C . 35.38 8.12 -2.85
C5' ANP C . 36.57 8.03 -3.59
C4' ANP C . 37.70 7.65 -2.65
O4' ANP C . 38.20 8.82 -2.00
C3' ANP C . 37.36 6.67 -1.53
O3' ANP C . 37.41 5.31 -1.97
C2' ANP C . 38.44 7.00 -0.53
O2' ANP C . 39.60 6.22 -0.81
C1' ANP C . 38.69 8.48 -0.72
N9 ANP C . 37.94 9.22 0.31
C8 ANP C . 36.68 9.71 0.17
N7 ANP C . 36.27 10.31 1.31
C5 ANP C . 37.28 10.20 2.19
C6 ANP C . 37.50 10.61 3.58
N6 ANP C . 36.54 11.28 4.25
N1 ANP C . 38.70 10.31 4.12
C2 ANP C . 39.66 9.64 3.45
N3 ANP C . 39.53 9.22 2.19
C4 ANP C . 38.38 9.48 1.52
CA CA D . 36.31 8.87 -7.19
PG ANP E . 20.66 7.53 -23.19
O1G ANP E . 21.95 7.08 -22.55
O2G ANP E . 20.03 6.52 -24.09
O3G ANP E . 19.67 8.28 -22.35
PB ANP E . 22.08 8.55 -25.65
O1B ANP E . 22.31 9.90 -26.27
O2B ANP E . 21.20 7.55 -26.36
N3B ANP E . 21.33 8.82 -24.13
PA ANP E . 24.01 6.55 -26.08
O1A ANP E . 25.43 6.29 -25.62
O2A ANP E . 22.91 5.51 -25.92
O3A ANP E . 23.55 7.94 -25.43
O5' ANP E . 24.10 6.98 -27.62
C5' ANP E . 25.20 7.80 -27.97
C4' ANP E . 24.90 8.48 -29.27
O4' ANP E . 25.17 7.59 -30.37
C3' ANP E . 23.45 8.90 -29.42
O3' ANP E . 23.17 10.10 -28.67
C2' ANP E . 23.39 9.04 -30.93
O2' ANP E . 23.92 10.29 -31.34
C1' ANP E . 24.26 7.89 -31.43
N9 ANP E . 23.43 6.72 -31.73
C8 ANP E . 23.12 5.69 -30.92
N7 ANP E . 22.31 4.80 -31.55
C5 ANP E . 22.09 5.27 -32.78
C6 ANP E . 21.32 4.84 -33.97
N6 ANP E . 20.62 3.69 -33.97
N1 ANP E . 21.37 5.63 -35.05
C2 ANP E . 22.07 6.79 -35.09
N3 ANP E . 22.79 7.25 -34.05
C4 ANP E . 22.83 6.54 -32.90
CA CA F . 27.84 7.54 -25.67
#